data_4PE6
#
_entry.id   4PE6
#
_cell.length_a   52.724
_cell.length_b   77.375
_cell.length_c   79.472
_cell.angle_alpha   90.000
_cell.angle_beta   90.370
_cell.angle_gamma   90.000
#
_symmetry.space_group_name_H-M   'P 1 21 1'
#
loop_
_entity.id
_entity.type
_entity.pdbx_description
1 polymer 'Putative ABC transporter'
2 non-polymer '(2R,3S)-2,3,4-trihydroxybutanoic acid'
3 water water
#
_entity_poly.entity_id   1
_entity_poly.type   'polypeptide(L)'
_entity_poly.pdbx_seq_one_letter_code
;SNAGSGDTADAKQAEGDKPFIALSNGFIGNGWRQT(MSE)IAKFEEAAKQAQADGLIGKYKVVNAPGNNSATEQVAQIKS
LLLQKPDALLINPASPTALQPVIQQACDAGVKVVVFDSAIDAPCAYILQNSFVDWATYAAKPVLESIGGKGNVIVVRGVV
GSQPEAE(MSE)YETTKKILAEYPQVKTVATVTG(MSE)CDGATAQKAVLGVLPSVSTVDAVIGCGDGYGVAQAFATAGK
PIPAVTFETNGRALSYWKDNKIDNGSVAV(MSE)SDPAQSVAALWAALDLLEGRDLPKQ(MSE)TFPIVLIEEKDRDTWA
SVLKPDEYAAWPWTRELFRQQVEAIKTGGEPVQPPIPSTTG
;
_entity_poly.pdbx_strand_id   A,B
#
loop_
_chem_comp.id
_chem_comp.type
_chem_comp.name
_chem_comp.formula
LTH non-polymer '(2R,3S)-2,3,4-trihydroxybutanoic acid' 'C4 H8 O5'
#
# COMPACT_ATOMS: atom_id res chain seq x y z
N LYS A 18 -13.23 -27.86 -17.46
CA LYS A 18 -13.76 -26.52 -17.84
C LYS A 18 -12.64 -25.47 -17.85
N PRO A 19 -12.70 -24.50 -18.78
CA PRO A 19 -11.57 -23.59 -18.89
C PRO A 19 -11.21 -22.70 -17.69
N PHE A 20 -9.92 -22.38 -17.61
CA PHE A 20 -9.35 -21.44 -16.65
C PHE A 20 -9.08 -20.13 -17.39
N ILE A 21 -9.81 -19.08 -16.99
CA ILE A 21 -9.66 -17.72 -17.56
C ILE A 21 -8.88 -16.83 -16.59
N ALA A 22 -7.70 -16.36 -17.01
CA ALA A 22 -6.87 -15.49 -16.19
C ALA A 22 -6.99 -14.04 -16.71
N LEU A 23 -7.04 -13.08 -15.80
CA LEU A 23 -7.05 -11.64 -16.17
C LEU A 23 -5.88 -10.92 -15.51
N SER A 24 -5.08 -10.28 -16.34
CA SER A 24 -3.95 -9.47 -15.86
C SER A 24 -4.23 -8.00 -16.14
N ASN A 25 -4.26 -7.21 -15.09
CA ASN A 25 -4.60 -5.79 -15.20
C ASN A 25 -3.43 -4.91 -14.83
N GLY A 26 -3.05 -4.03 -15.75
CA GLY A 26 -1.88 -3.17 -15.60
C GLY A 26 -1.99 -2.00 -14.62
N PHE A 27 -3.18 -1.62 -14.19
CA PHE A 27 -3.35 -0.49 -13.29
C PHE A 27 -4.66 -0.62 -12.58
N ILE A 28 -4.63 -0.53 -11.25
CA ILE A 28 -5.83 -0.69 -10.44
C ILE A 28 -6.17 0.56 -9.61
N GLY A 29 -5.33 1.59 -9.72
CA GLY A 29 -5.44 2.80 -8.89
C GLY A 29 -6.44 3.86 -9.33
N ASN A 30 -7.59 3.44 -9.84
CA ASN A 30 -8.71 4.34 -10.05
C ASN A 30 -10.01 3.54 -10.01
N GLY A 31 -11.12 4.24 -9.80
CA GLY A 31 -12.40 3.60 -9.55
C GLY A 31 -12.95 2.92 -10.79
N TRP A 32 -12.58 3.43 -11.98
CA TRP A 32 -13.02 2.83 -13.24
C TRP A 32 -12.46 1.40 -13.33
N ARG A 33 -11.19 1.24 -12.98
CA ARG A 33 -10.53 -0.06 -13.04
C ARG A 33 -11.10 -1.01 -12.00
N GLN A 34 -11.50 -0.45 -10.87
CA GLN A 34 -12.15 -1.25 -9.84
C GLN A 34 -13.52 -1.76 -10.28
N THR A 35 -14.28 -0.94 -11.01
CA THR A 35 -15.54 -1.41 -11.55
C THR A 35 -15.28 -2.46 -12.64
N MSE A 36 -14.25 -2.23 -13.44
N MSE A 36 -14.24 -2.22 -13.44
CA MSE A 36 -13.91 -3.17 -14.51
CA MSE A 36 -13.86 -3.15 -14.50
C MSE A 36 -13.63 -4.55 -13.96
C MSE A 36 -13.63 -4.53 -13.96
O MSE A 36 -14.09 -5.54 -14.51
O MSE A 36 -14.12 -5.50 -14.51
CB MSE A 36 -12.72 -2.60 -15.29
CB MSE A 36 -12.60 -2.59 -15.17
CG MSE A 36 -12.10 -3.68 -16.14
CG MSE A 36 -12.24 -3.45 -16.37
SE MSE A 36 -10.38 -3.01 -16.78
SE MSE A 36 -10.88 -4.75 -15.86
CE MSE A 36 -9.38 -3.83 -15.31
CE MSE A 36 -9.35 -3.53 -15.72
N ILE A 37 -12.88 -4.61 -12.86
CA ILE A 37 -12.60 -5.89 -12.18
C ILE A 37 -13.87 -6.50 -11.56
N ALA A 38 -14.63 -5.67 -10.88
CA ALA A 38 -15.85 -6.13 -10.22
C ALA A 38 -16.83 -6.74 -11.24
N LYS A 39 -17.04 -6.10 -12.38
CA LYS A 39 -17.94 -6.64 -13.40
C LYS A 39 -17.42 -7.96 -13.98
N PHE A 40 -16.10 -8.05 -14.23
CA PHE A 40 -15.49 -9.30 -14.66
C PHE A 40 -15.71 -10.40 -13.64
N GLU A 41 -15.46 -10.10 -12.37
CA GLU A 41 -15.54 -11.12 -11.35
C GLU A 41 -16.98 -11.61 -11.14
N GLU A 42 -17.93 -10.68 -11.16
CA GLU A 42 -19.35 -11.04 -11.14
C GLU A 42 -19.71 -11.92 -12.34
N ALA A 43 -19.28 -11.55 -13.53
CA ALA A 43 -19.61 -12.34 -14.73
C ALA A 43 -18.94 -13.73 -14.71
N ALA A 44 -17.70 -13.77 -14.22
CA ALA A 44 -16.93 -15.02 -14.18
C ALA A 44 -17.56 -15.99 -13.19
N LYS A 45 -17.89 -15.47 -12.01
CA LYS A 45 -18.49 -16.23 -10.93
C LYS A 45 -19.79 -16.88 -11.43
N GLN A 46 -20.57 -16.10 -12.18
CA GLN A 46 -21.82 -16.61 -12.74
C GLN A 46 -21.52 -17.66 -13.81
N ALA A 47 -20.53 -17.40 -14.67
CA ALA A 47 -20.13 -18.37 -15.69
C ALA A 47 -19.67 -19.69 -15.04
N GLN A 48 -18.99 -19.59 -13.90
CA GLN A 48 -18.51 -20.77 -13.19
C GLN A 48 -19.69 -21.57 -12.65
N ALA A 49 -20.63 -20.87 -12.01
CA ALA A 49 -21.89 -21.47 -11.54
C ALA A 49 -22.64 -22.14 -12.68
N ASP A 50 -22.63 -21.51 -13.86
CA ASP A 50 -23.30 -22.03 -15.07
C ASP A 50 -22.52 -23.13 -15.81
N GLY A 51 -21.36 -23.51 -15.28
CA GLY A 51 -20.56 -24.58 -15.88
C GLY A 51 -19.85 -24.21 -17.17
N LEU A 52 -19.73 -22.92 -17.47
CA LEU A 52 -19.05 -22.49 -18.69
C LEU A 52 -17.54 -22.38 -18.46
N ILE A 53 -17.14 -22.12 -17.21
CA ILE A 53 -15.72 -22.10 -16.86
C ILE A 53 -15.53 -22.85 -15.56
N GLY A 54 -14.29 -23.26 -15.29
CA GLY A 54 -13.96 -23.98 -14.06
C GLY A 54 -13.25 -23.13 -13.03
N LYS A 55 -12.59 -22.07 -13.50
CA LYS A 55 -11.73 -21.29 -12.65
C LYS A 55 -11.46 -19.93 -13.30
N TYR A 56 -11.32 -18.92 -12.44
CA TYR A 56 -10.91 -17.58 -12.88
C TYR A 56 -9.96 -16.98 -11.85
N LYS A 57 -9.06 -16.12 -12.33
CA LYS A 57 -8.12 -15.42 -11.49
C LYS A 57 -7.86 -14.01 -12.02
N VAL A 58 -7.86 -13.04 -11.10
CA VAL A 58 -7.48 -11.66 -11.37
C VAL A 58 -6.15 -11.30 -10.71
N VAL A 59 -5.24 -10.74 -11.49
CA VAL A 59 -4.03 -10.20 -10.91
C VAL A 59 -3.82 -8.76 -11.34
N ASN A 60 -3.65 -7.87 -10.37
CA ASN A 60 -3.41 -6.44 -10.63
C ASN A 60 -1.96 -6.09 -10.39
N ALA A 61 -1.35 -5.38 -11.32
CA ALA A 61 -0.02 -4.80 -11.10
C ALA A 61 -0.15 -3.52 -10.24
N PRO A 62 0.60 -3.43 -9.12
CA PRO A 62 0.50 -2.21 -8.31
C PRO A 62 1.31 -1.06 -8.88
N GLY A 63 1.15 0.13 -8.34
CA GLY A 63 1.98 1.25 -8.75
C GLY A 63 1.40 1.99 -9.93
N ASN A 64 2.13 2.97 -10.44
CA ASN A 64 1.55 3.88 -11.41
C ASN A 64 1.67 3.39 -12.85
N ASN A 65 0.94 2.31 -13.12
CA ASN A 65 0.84 1.71 -14.46
C ASN A 65 2.21 1.15 -14.90
N SER A 66 2.73 0.19 -14.12
CA SER A 66 4.09 -0.34 -14.33
C SER A 66 4.15 -1.69 -15.06
N ALA A 67 4.69 -1.65 -16.27
CA ALA A 67 4.75 -2.80 -17.14
C ALA A 67 5.65 -3.92 -16.62
N THR A 68 6.77 -3.57 -15.97
CA THR A 68 7.74 -4.58 -15.60
C THR A 68 7.15 -5.61 -14.64
N GLU A 69 6.38 -5.16 -13.65
CA GLU A 69 5.80 -6.12 -12.71
C GLU A 69 4.64 -6.89 -13.36
N GLN A 70 3.87 -6.24 -14.23
CA GLN A 70 2.80 -6.95 -14.95
C GLN A 70 3.37 -8.11 -15.77
N VAL A 71 4.50 -7.88 -16.41
CA VAL A 71 5.13 -8.93 -17.21
C VAL A 71 5.48 -10.11 -16.32
N ALA A 72 6.09 -9.82 -15.16
CA ALA A 72 6.38 -10.88 -14.18
C ALA A 72 5.11 -11.59 -13.75
N GLN A 73 4.06 -10.83 -13.46
CA GLN A 73 2.81 -11.45 -13.04
C GLN A 73 2.21 -12.37 -14.11
N ILE A 74 2.31 -11.97 -15.36
CA ILE A 74 1.79 -12.81 -16.43
C ILE A 74 2.55 -14.14 -16.49
N LYS A 75 3.88 -14.11 -16.33
CA LYS A 75 4.65 -15.35 -16.28
C LYS A 75 4.21 -16.24 -15.12
N SER A 76 3.93 -15.67 -13.95
CA SER A 76 3.42 -16.49 -12.83
C SER A 76 2.04 -17.08 -13.16
N LEU A 77 1.22 -16.32 -13.88
CA LEU A 77 -0.08 -16.82 -14.33
C LEU A 77 0.09 -17.97 -15.32
N LEU A 78 1.04 -17.86 -16.24
CA LEU A 78 1.20 -18.91 -17.23
C LEU A 78 1.57 -20.26 -16.61
N LEU A 79 2.31 -20.23 -15.50
CA LEU A 79 2.62 -21.45 -14.75
C LEU A 79 1.37 -22.19 -14.28
N GLN A 80 0.26 -21.49 -14.10
CA GLN A 80 -0.99 -22.11 -13.66
C GLN A 80 -1.83 -22.61 -14.83
N LYS A 81 -1.30 -22.49 -16.05
CA LYS A 81 -1.91 -23.09 -17.23
C LYS A 81 -3.30 -22.57 -17.55
N PRO A 82 -3.44 -21.25 -17.70
CA PRO A 82 -4.73 -20.75 -18.09
C PRO A 82 -5.03 -21.14 -19.55
N ASP A 83 -6.31 -21.31 -19.85
CA ASP A 83 -6.76 -21.56 -21.23
C ASP A 83 -6.89 -20.27 -22.05
N ALA A 84 -7.23 -19.20 -21.37
CA ALA A 84 -7.27 -17.85 -21.95
C ALA A 84 -6.75 -16.86 -20.94
N LEU A 85 -6.16 -15.79 -21.47
CA LEU A 85 -5.59 -14.74 -20.71
C LEU A 85 -6.14 -13.42 -21.24
N LEU A 86 -6.80 -12.66 -20.37
CA LEU A 86 -7.33 -11.34 -20.72
C LEU A 86 -6.39 -10.30 -20.16
N ILE A 87 -6.00 -9.34 -21.01
CA ILE A 87 -4.95 -8.40 -20.59
C ILE A 87 -5.34 -6.95 -20.78
N ASN A 88 -5.32 -6.18 -19.70
CA ASN A 88 -5.34 -4.73 -19.81
C ASN A 88 -3.89 -4.25 -19.64
N PRO A 89 -3.27 -3.90 -20.76
CA PRO A 89 -1.81 -3.72 -20.73
C PRO A 89 -1.37 -2.40 -20.16
N ALA A 90 -0.33 -2.46 -19.33
CA ALA A 90 0.25 -1.26 -18.74
C ALA A 90 0.99 -0.42 -19.80
N SER A 91 1.54 -1.09 -20.82
CA SER A 91 2.41 -0.46 -21.85
C SER A 91 1.99 -0.83 -23.24
N PRO A 92 2.19 0.08 -24.21
CA PRO A 92 1.89 -0.31 -25.59
C PRO A 92 2.87 -1.35 -26.17
N THR A 93 4.04 -1.51 -25.56
CA THR A 93 5.14 -2.33 -26.15
C THR A 93 5.75 -3.40 -25.22
N ALA A 94 5.80 -3.13 -23.93
CA ALA A 94 6.56 -3.99 -23.01
C ALA A 94 6.03 -5.42 -22.84
N LEU A 95 4.76 -5.66 -23.16
CA LEU A 95 4.15 -6.98 -22.96
C LEU A 95 4.21 -7.90 -24.19
N GLN A 96 4.70 -7.38 -25.30
CA GLN A 96 4.66 -8.13 -26.55
C GLN A 96 5.34 -9.51 -26.43
N PRO A 97 6.55 -9.56 -25.85
CA PRO A 97 7.21 -10.89 -25.75
C PRO A 97 6.41 -11.88 -24.89
N VAL A 98 5.88 -11.46 -23.75
CA VAL A 98 5.19 -12.40 -22.90
C VAL A 98 3.85 -12.78 -23.51
N ILE A 99 3.26 -11.88 -24.28
CA ILE A 99 2.02 -12.20 -25.00
C ILE A 99 2.33 -13.30 -26.00
N GLN A 100 3.43 -13.16 -26.72
CA GLN A 100 3.82 -14.21 -27.66
C GLN A 100 4.14 -15.52 -26.94
N GLN A 101 4.72 -15.42 -25.74
CA GLN A 101 5.02 -16.60 -24.95
C GLN A 101 3.72 -17.34 -24.57
N ALA A 102 2.72 -16.57 -24.16
CA ALA A 102 1.41 -17.12 -23.85
C ALA A 102 0.82 -17.84 -25.07
N CYS A 103 0.85 -17.20 -26.24
CA CYS A 103 0.28 -17.80 -27.44
C CYS A 103 1.03 -19.08 -27.82
N ASP A 104 2.35 -19.05 -27.70
CA ASP A 104 3.18 -20.22 -28.04
C ASP A 104 2.88 -21.40 -27.11
N ALA A 105 2.40 -21.12 -25.91
CA ALA A 105 1.99 -22.16 -24.99
C ALA A 105 0.53 -22.60 -25.21
N GLY A 106 -0.11 -22.09 -26.26
CA GLY A 106 -1.48 -22.49 -26.60
C GLY A 106 -2.59 -21.72 -25.91
N VAL A 107 -2.25 -20.61 -25.25
CA VAL A 107 -3.22 -19.76 -24.55
C VAL A 107 -3.84 -18.77 -25.52
N LYS A 108 -5.17 -18.62 -25.44
CA LYS A 108 -5.88 -17.62 -26.21
C LYS A 108 -5.72 -16.29 -25.48
N VAL A 109 -5.35 -15.25 -26.21
CA VAL A 109 -5.05 -13.97 -25.58
C VAL A 109 -5.95 -12.90 -26.12
N VAL A 110 -6.72 -12.29 -25.23
CA VAL A 110 -7.53 -11.12 -25.55
C VAL A 110 -6.96 -9.93 -24.82
N VAL A 111 -6.42 -8.99 -25.59
CA VAL A 111 -6.04 -7.71 -25.08
C VAL A 111 -7.29 -6.83 -25.09
N PHE A 112 -7.62 -6.21 -23.97
CA PHE A 112 -8.80 -5.37 -23.92
C PHE A 112 -8.52 -4.00 -23.34
N ASP A 113 -9.42 -3.07 -23.62
CA ASP A 113 -9.30 -1.67 -23.22
C ASP A 113 -7.96 -1.09 -23.65
N SER A 114 -7.51 -1.51 -24.83
CA SER A 114 -6.28 -1.07 -25.44
C SER A 114 -6.17 -1.68 -26.84
N ALA A 115 -5.36 -1.05 -27.66
CA ALA A 115 -4.98 -1.57 -28.98
C ALA A 115 -3.46 -1.59 -29.04
N ILE A 116 -2.88 -2.76 -29.21
CA ILE A 116 -1.43 -2.85 -29.33
C ILE A 116 -1.08 -3.79 -30.44
N ASP A 117 0.16 -3.71 -30.89
CA ASP A 117 0.65 -4.50 -31.99
C ASP A 117 1.19 -5.85 -31.46
N ALA A 118 0.28 -6.71 -31.03
CA ALA A 118 0.63 -8.05 -30.55
C ALA A 118 -0.12 -9.01 -31.46
N PRO A 119 0.55 -9.47 -32.54
CA PRO A 119 -0.10 -10.17 -33.65
C PRO A 119 -0.92 -11.39 -33.28
N CYS A 120 -0.50 -12.12 -32.25
CA CYS A 120 -1.19 -13.34 -31.85
C CYS A 120 -2.44 -13.05 -30.99
N ALA A 121 -2.57 -11.84 -30.48
CA ALA A 121 -3.68 -11.49 -29.59
C ALA A 121 -4.86 -10.95 -30.37
N TYR A 122 -6.03 -11.09 -29.78
CA TYR A 122 -7.23 -10.42 -30.23
C TYR A 122 -7.45 -9.13 -29.44
N ILE A 123 -7.74 -8.05 -30.14
CA ILE A 123 -7.95 -6.74 -29.54
C ILE A 123 -9.47 -6.41 -29.41
N LEU A 124 -9.88 -6.04 -28.19
CA LEU A 124 -11.24 -5.59 -27.95
C LEU A 124 -11.14 -4.28 -27.19
N GLN A 125 -11.53 -3.21 -27.84
CA GLN A 125 -11.29 -1.86 -27.33
C GLN A 125 -12.55 -1.01 -27.37
N ASN A 126 -12.40 0.25 -27.00
CA ASN A 126 -13.38 1.27 -27.27
C ASN A 126 -12.71 2.32 -28.15
N SER A 127 -13.50 3.21 -28.72
CA SER A 127 -12.92 4.38 -29.43
C SER A 127 -12.43 5.44 -28.44
N PHE A 128 -11.14 5.41 -28.17
CA PHE A 128 -10.52 6.42 -27.31
C PHE A 128 -10.55 7.78 -27.97
N VAL A 129 -10.47 7.80 -29.30
CA VAL A 129 -10.61 9.04 -30.03
C VAL A 129 -11.98 9.68 -29.79
N ASP A 130 -13.05 8.90 -29.89
CA ASP A 130 -14.39 9.45 -29.66
C ASP A 130 -14.52 10.02 -28.24
N TRP A 131 -14.03 9.26 -27.26
CA TRP A 131 -14.06 9.70 -25.85
C TRP A 131 -13.36 11.03 -25.73
N ALA A 132 -12.09 11.08 -26.13
CA ALA A 132 -11.35 12.34 -26.01
C ALA A 132 -12.04 13.50 -26.70
N THR A 133 -12.72 13.24 -27.84
CA THR A 133 -13.39 14.30 -28.56
C THR A 133 -14.64 14.74 -27.80
N TYR A 134 -15.42 13.79 -27.30
CA TYR A 134 -16.60 14.12 -26.49
C TYR A 134 -16.24 14.82 -25.18
N ALA A 135 -15.02 14.64 -24.69
CA ALA A 135 -14.60 15.26 -23.43
C ALA A 135 -14.08 16.66 -23.67
N ALA A 136 -13.48 16.91 -24.84
CA ALA A 136 -12.82 18.17 -25.08
C ALA A 136 -13.71 19.13 -25.88
N LYS A 137 -14.24 18.69 -27.02
CA LYS A 137 -14.89 19.63 -27.92
C LYS A 137 -16.12 20.34 -27.32
N PRO A 138 -17.08 19.59 -26.75
CA PRO A 138 -18.22 20.28 -26.13
C PRO A 138 -17.83 21.18 -24.97
N VAL A 139 -16.74 20.83 -24.29
CA VAL A 139 -16.26 21.63 -23.17
C VAL A 139 -15.72 22.98 -23.67
N LEU A 140 -14.94 22.94 -24.74
CA LEU A 140 -14.42 24.16 -25.31
C LEU A 140 -15.54 25.02 -25.92
N GLU A 141 -16.52 24.37 -26.55
CA GLU A 141 -17.69 25.10 -27.04
C GLU A 141 -18.41 25.79 -25.89
N SER A 142 -18.56 25.10 -24.77
CA SER A 142 -19.30 25.67 -23.62
C SER A 142 -18.64 26.90 -23.01
N ILE A 143 -17.36 27.13 -23.29
CA ILE A 143 -16.69 28.35 -22.79
C ILE A 143 -16.48 29.35 -23.94
N GLY A 144 -17.24 29.16 -25.01
CA GLY A 144 -17.20 30.09 -26.14
C GLY A 144 -15.90 30.08 -26.92
N GLY A 145 -15.13 28.99 -26.83
CA GLY A 145 -13.90 28.88 -27.60
C GLY A 145 -12.79 29.81 -27.15
N LYS A 146 -12.85 30.26 -25.90
CA LYS A 146 -11.83 31.13 -25.37
C LYS A 146 -11.77 30.97 -23.85
N GLY A 147 -10.63 31.33 -23.29
CA GLY A 147 -10.42 31.28 -21.86
C GLY A 147 -9.25 30.39 -21.51
N ASN A 148 -9.19 30.03 -20.23
CA ASN A 148 -8.07 29.28 -19.70
C ASN A 148 -8.53 27.87 -19.33
N VAL A 149 -7.73 26.88 -19.71
CA VAL A 149 -8.04 25.50 -19.37
C VAL A 149 -6.88 24.76 -18.74
N ILE A 150 -7.23 23.74 -17.95
CA ILE A 150 -6.25 22.80 -17.41
C ILE A 150 -6.51 21.45 -18.10
N VAL A 151 -5.44 20.81 -18.54
CA VAL A 151 -5.52 19.44 -19.05
C VAL A 151 -5.02 18.51 -17.96
N VAL A 152 -5.85 17.52 -17.61
CA VAL A 152 -5.49 16.49 -16.68
C VAL A 152 -5.42 15.18 -17.43
N ARG A 153 -4.22 14.65 -17.58
CA ARG A 153 -4.00 13.43 -18.30
C ARG A 153 -4.49 12.20 -17.52
N GLY A 154 -4.77 11.15 -18.28
CA GLY A 154 -5.28 9.90 -17.72
C GLY A 154 -4.22 8.93 -17.26
N VAL A 155 -4.37 7.67 -17.64
CA VAL A 155 -3.46 6.61 -17.23
C VAL A 155 -2.18 6.69 -18.07
N VAL A 156 -1.32 7.64 -17.68
CA VAL A 156 -0.05 7.92 -18.41
C VAL A 156 0.81 6.68 -18.48
N GLY A 157 1.36 6.41 -19.64
CA GLY A 157 2.12 5.19 -19.89
C GLY A 157 1.30 4.20 -20.71
N SER A 158 -0.03 4.22 -20.55
CA SER A 158 -0.90 3.32 -21.34
C SER A 158 -1.12 3.82 -22.79
N GLN A 159 -1.47 2.89 -23.67
CA GLN A 159 -1.75 3.24 -25.07
C GLN A 159 -2.98 4.15 -25.25
N PRO A 160 -4.11 3.83 -24.59
CA PRO A 160 -5.22 4.73 -24.75
C PRO A 160 -4.94 6.15 -24.28
N GLU A 161 -4.23 6.31 -23.16
CA GLU A 161 -3.93 7.65 -22.68
C GLU A 161 -3.10 8.43 -23.69
N ALA A 162 -2.12 7.76 -24.28
CA ALA A 162 -1.27 8.45 -25.21
C ALA A 162 -2.09 8.92 -26.42
N GLU A 163 -3.00 8.07 -26.88
CA GLU A 163 -3.85 8.39 -28.03
C GLU A 163 -4.78 9.56 -27.73
N MSE A 164 -5.38 9.53 -26.53
CA MSE A 164 -6.31 10.57 -26.15
C MSE A 164 -5.62 11.88 -25.97
O MSE A 164 -6.18 12.90 -26.33
CB MSE A 164 -7.12 10.17 -24.91
CG MSE A 164 -7.93 8.91 -25.25
SE MSE A 164 -9.36 8.51 -23.94
CE MSE A 164 -8.36 7.58 -22.58
N TYR A 165 -4.39 11.86 -25.45
CA TYR A 165 -3.64 13.11 -25.26
C TYR A 165 -3.36 13.77 -26.62
N GLU A 166 -3.00 12.98 -27.63
CA GLU A 166 -2.81 13.53 -28.96
C GLU A 166 -4.10 14.12 -29.46
N THR A 167 -5.21 13.43 -29.22
CA THR A 167 -6.51 13.92 -29.68
C THR A 167 -6.84 15.24 -28.95
N THR A 168 -6.66 15.28 -27.63
CA THR A 168 -6.93 16.50 -26.88
C THR A 168 -6.11 17.68 -27.40
N LYS A 169 -4.83 17.45 -27.70
CA LYS A 169 -3.98 18.54 -28.19
C LYS A 169 -4.48 19.01 -29.57
N LYS A 170 -4.84 18.05 -30.41
CA LYS A 170 -5.36 18.37 -31.74
C LYS A 170 -6.61 19.26 -31.69
N ILE A 171 -7.56 18.89 -30.84
CA ILE A 171 -8.77 19.67 -30.66
C ILE A 171 -8.42 21.06 -30.10
N LEU A 172 -7.54 21.12 -29.12
CA LEU A 172 -7.15 22.41 -28.56
C LEU A 172 -6.58 23.33 -29.63
N ALA A 173 -5.83 22.77 -30.56
CA ALA A 173 -5.20 23.55 -31.63
C ALA A 173 -6.23 24.24 -32.54
N GLU A 174 -7.46 23.70 -32.58
CA GLU A 174 -8.55 24.30 -33.34
C GLU A 174 -9.20 25.48 -32.62
N TYR A 175 -8.83 25.71 -31.36
CA TYR A 175 -9.31 26.86 -30.60
C TYR A 175 -8.11 27.73 -30.13
N PRO A 176 -7.58 28.58 -31.03
CA PRO A 176 -6.44 29.47 -30.76
C PRO A 176 -6.60 30.40 -29.56
N GLN A 177 -7.83 30.80 -29.25
CA GLN A 177 -8.07 31.71 -28.14
C GLN A 177 -8.18 30.98 -26.81
N VAL A 178 -8.06 29.67 -26.81
CA VAL A 178 -7.98 28.91 -25.57
C VAL A 178 -6.52 28.70 -25.20
N LYS A 179 -6.19 28.96 -23.93
CA LYS A 179 -4.83 28.84 -23.42
C LYS A 179 -4.80 27.73 -22.38
N THR A 180 -3.85 26.81 -22.52
CA THR A 180 -3.64 25.77 -21.53
C THR A 180 -2.74 26.38 -20.46
N VAL A 181 -3.26 26.56 -19.26
CA VAL A 181 -2.51 27.21 -18.21
C VAL A 181 -1.77 26.22 -17.31
N ALA A 182 -2.13 24.94 -17.41
CA ALA A 182 -1.40 23.86 -16.76
C ALA A 182 -1.76 22.50 -17.35
N THR A 183 -0.78 21.62 -17.41
CA THR A 183 -1.00 20.21 -17.67
C THR A 183 -0.49 19.37 -16.50
N VAL A 184 -1.34 18.47 -16.03
CA VAL A 184 -1.01 17.57 -14.95
C VAL A 184 -1.47 16.15 -15.25
N THR A 185 -1.04 15.21 -14.41
CA THR A 185 -1.45 13.80 -14.50
C THR A 185 -2.44 13.46 -13.38
N GLY A 186 -3.57 12.91 -13.77
CA GLY A 186 -4.61 12.49 -12.83
C GLY A 186 -4.82 11.00 -12.69
N MSE A 187 -4.32 10.19 -13.65
CA MSE A 187 -4.54 8.72 -13.66
C MSE A 187 -6.03 8.32 -13.71
O MSE A 187 -6.38 7.23 -13.30
CB MSE A 187 -3.83 8.02 -12.49
CG MSE A 187 -2.35 8.39 -12.31
SE MSE A 187 -1.22 7.87 -13.86
CE MSE A 187 -1.24 5.92 -13.64
N CYS A 188 -6.89 9.19 -14.26
CA CYS A 188 -8.37 9.04 -14.22
C CYS A 188 -8.87 8.73 -12.81
N ASP A 189 -8.21 9.31 -11.83
CA ASP A 189 -8.53 9.10 -10.42
C ASP A 189 -8.83 10.43 -9.78
N GLY A 190 -10.05 10.58 -9.23
CA GLY A 190 -10.47 11.85 -8.63
C GLY A 190 -9.51 12.43 -7.60
N ALA A 191 -9.11 11.61 -6.63
CA ALA A 191 -8.25 12.08 -5.54
C ALA A 191 -6.87 12.49 -6.07
N THR A 192 -6.34 11.75 -7.03
CA THR A 192 -5.07 12.08 -7.64
C THR A 192 -5.15 13.40 -8.42
N ALA A 193 -6.14 13.49 -9.30
CA ALA A 193 -6.43 14.73 -10.01
C ALA A 193 -6.67 15.91 -9.06
N GLN A 194 -7.46 15.67 -8.00
CA GLN A 194 -7.71 16.70 -7.00
C GLN A 194 -6.41 17.30 -6.47
N LYS A 195 -5.50 16.42 -6.07
CA LYS A 195 -4.22 16.83 -5.51
C LYS A 195 -3.38 17.61 -6.53
N ALA A 196 -3.30 17.10 -7.76
CA ALA A 196 -2.48 17.75 -8.78
C ALA A 196 -3.04 19.12 -9.18
N VAL A 197 -4.36 19.23 -9.37
CA VAL A 197 -4.97 20.51 -9.70
C VAL A 197 -4.80 21.51 -8.55
N LEU A 198 -5.07 21.05 -7.33
CA LEU A 198 -4.94 21.92 -6.15
C LEU A 198 -3.54 22.53 -6.10
N GLY A 199 -2.57 21.71 -6.47
CA GLY A 199 -1.17 22.12 -6.53
C GLY A 199 -0.90 23.31 -7.41
N VAL A 200 -1.60 23.42 -8.54
CA VAL A 200 -1.32 24.51 -9.49
C VAL A 200 -2.23 25.72 -9.41
N LEU A 201 -3.39 25.58 -8.78
CA LEU A 201 -4.37 26.67 -8.75
C LEU A 201 -3.82 28.02 -8.26
N PRO A 202 -3.05 28.03 -7.15
CA PRO A 202 -2.53 29.33 -6.72
C PRO A 202 -1.64 30.04 -7.77
N SER A 203 -1.04 29.29 -8.68
CA SER A 203 -0.11 29.88 -9.65
C SER A 203 -0.76 30.27 -10.98
N VAL A 204 -2.04 29.99 -11.18
CA VAL A 204 -2.67 30.27 -12.48
C VAL A 204 -3.83 31.24 -12.42
N SER A 205 -4.12 31.83 -13.58
CA SER A 205 -5.27 32.72 -13.78
C SER A 205 -6.56 31.91 -13.69
N THR A 206 -7.69 32.62 -13.69
CA THR A 206 -9.01 32.00 -13.66
C THR A 206 -9.12 30.87 -14.69
N VAL A 207 -9.68 29.75 -14.25
CA VAL A 207 -9.75 28.54 -15.08
C VAL A 207 -11.20 28.32 -15.49
N ASP A 208 -11.46 28.30 -16.79
CA ASP A 208 -12.83 28.14 -17.30
C ASP A 208 -13.24 26.68 -17.49
N ALA A 209 -12.28 25.83 -17.75
CA ALA A 209 -12.57 24.41 -17.91
C ALA A 209 -11.39 23.54 -17.54
N VAL A 210 -11.69 22.31 -17.13
CA VAL A 210 -10.68 21.31 -16.91
C VAL A 210 -11.02 20.06 -17.70
N ILE A 211 -10.21 19.80 -18.72
CA ILE A 211 -10.40 18.68 -19.62
C ILE A 211 -9.60 17.52 -19.08
N GLY A 212 -10.31 16.55 -18.54
CA GLY A 212 -9.68 15.43 -17.88
C GLY A 212 -10.15 14.08 -18.34
N CYS A 213 -9.85 13.09 -17.51
CA CYS A 213 -10.19 11.70 -17.75
C CYS A 213 -11.06 11.22 -16.59
N GLY A 214 -12.37 11.39 -16.71
CA GLY A 214 -13.33 10.93 -15.71
C GLY A 214 -12.90 11.31 -14.30
N ASP A 215 -12.56 12.56 -14.09
CA ASP A 215 -11.97 12.99 -12.82
C ASP A 215 -12.61 14.27 -12.29
N GLY A 216 -13.69 14.71 -12.93
CA GLY A 216 -14.31 16.01 -12.64
C GLY A 216 -14.77 16.21 -11.20
N TYR A 217 -15.12 15.14 -10.49
CA TYR A 217 -15.59 15.29 -9.09
C TYR A 217 -14.39 15.72 -8.24
N GLY A 218 -13.25 15.09 -8.45
CA GLY A 218 -12.01 15.45 -7.75
C GLY A 218 -11.51 16.83 -8.11
N VAL A 219 -11.60 17.16 -9.39
CA VAL A 219 -11.25 18.50 -9.84
C VAL A 219 -12.14 19.55 -9.12
N ALA A 220 -13.43 19.27 -9.08
CA ALA A 220 -14.36 20.16 -8.40
C ALA A 220 -13.97 20.38 -6.92
N GLN A 221 -13.62 19.33 -6.19
CA GLN A 221 -13.17 19.46 -4.81
C GLN A 221 -11.95 20.37 -4.70
N ALA A 222 -11.00 20.30 -5.64
CA ALA A 222 -9.85 21.19 -5.58
C ALA A 222 -10.31 22.66 -5.63
N PHE A 223 -11.23 22.97 -6.55
CA PHE A 223 -11.72 24.34 -6.70
C PHE A 223 -12.48 24.79 -5.43
N ALA A 224 -13.29 23.88 -4.87
CA ALA A 224 -13.97 24.17 -3.61
C ALA A 224 -13.00 24.46 -2.47
N THR A 225 -11.91 23.70 -2.40
CA THR A 225 -10.90 23.90 -1.35
C THR A 225 -10.23 25.26 -1.49
N ALA A 226 -10.04 25.70 -2.73
CA ALA A 226 -9.46 26.99 -3.01
C ALA A 226 -10.48 28.13 -2.95
N GLY A 227 -11.77 27.79 -2.80
CA GLY A 227 -12.84 28.78 -2.78
C GLY A 227 -13.11 29.42 -4.15
N LYS A 228 -12.66 28.76 -5.21
CA LYS A 228 -12.85 29.27 -6.56
C LYS A 228 -14.06 28.62 -7.22
N PRO A 229 -14.77 29.34 -8.10
CA PRO A 229 -15.93 28.74 -8.76
C PRO A 229 -15.57 27.50 -9.59
N ILE A 230 -16.52 26.58 -9.63
CA ILE A 230 -16.32 25.28 -10.23
C ILE A 230 -16.35 25.48 -11.79
N PRO A 231 -15.28 25.11 -12.49
CA PRO A 231 -15.30 25.22 -13.97
C PRO A 231 -16.10 24.12 -14.65
N ALA A 232 -16.19 24.15 -15.99
CA ALA A 232 -16.68 22.98 -16.72
C ALA A 232 -15.68 21.85 -16.52
N VAL A 233 -16.16 20.68 -16.11
CA VAL A 233 -15.30 19.53 -15.86
C VAL A 233 -15.76 18.29 -16.63
N THR A 234 -14.91 17.26 -16.61
CA THR A 234 -15.22 15.99 -17.22
C THR A 234 -15.42 14.99 -16.09
N PHE A 235 -16.69 14.73 -15.76
CA PHE A 235 -16.99 13.89 -14.63
C PHE A 235 -16.72 12.42 -14.86
N GLU A 236 -16.42 11.76 -13.75
CA GLU A 236 -16.63 10.32 -13.59
C GLU A 236 -18.02 9.94 -14.05
N THR A 237 -18.17 8.75 -14.62
CA THR A 237 -19.47 8.20 -14.98
C THR A 237 -19.95 7.31 -13.84
N ASN A 238 -19.70 7.73 -12.60
CA ASN A 238 -20.09 6.94 -11.45
C ASN A 238 -21.28 7.59 -10.73
N GLY A 239 -21.84 6.87 -9.76
CA GLY A 239 -23.01 7.37 -9.02
C GLY A 239 -22.76 8.69 -8.31
N ARG A 240 -21.59 8.85 -7.71
CA ARG A 240 -21.28 10.03 -6.92
C ARG A 240 -21.17 11.30 -7.77
N ALA A 241 -20.54 11.18 -8.94
CA ALA A 241 -20.34 12.35 -9.80
C ALA A 241 -21.66 12.79 -10.44
N LEU A 242 -22.43 11.81 -10.92
CA LEU A 242 -23.76 12.09 -11.48
C LEU A 242 -24.68 12.79 -10.49
N SER A 243 -24.68 12.32 -9.24
CA SER A 243 -25.46 12.94 -8.18
C SER A 243 -24.98 14.36 -7.85
N TYR A 244 -23.67 14.57 -7.84
CA TYR A 244 -23.10 15.89 -7.58
C TYR A 244 -23.48 16.85 -8.70
N TRP A 245 -23.41 16.37 -9.94
CA TRP A 245 -23.85 17.10 -11.12
C TRP A 245 -25.31 17.57 -10.96
N LYS A 246 -26.19 16.68 -10.48
CA LYS A 246 -27.60 17.03 -10.28
C LYS A 246 -27.79 17.91 -9.05
N ASP A 247 -27.31 17.45 -7.90
CA ASP A 247 -27.59 18.10 -6.62
C ASP A 247 -27.11 19.56 -6.58
N ASN A 248 -26.05 19.89 -7.31
CA ASN A 248 -25.65 21.29 -7.46
C ASN A 248 -26.15 21.92 -8.77
N LYS A 249 -26.98 21.17 -9.50
CA LYS A 249 -27.55 21.59 -10.78
C LYS A 249 -26.49 22.23 -11.66
N ILE A 250 -25.34 21.57 -11.74
CA ILE A 250 -24.22 22.12 -12.48
C ILE A 250 -24.65 22.21 -13.93
N ASP A 251 -24.62 23.43 -14.45
CA ASP A 251 -25.09 23.71 -15.79
C ASP A 251 -24.09 24.66 -16.43
N ASN A 252 -22.86 24.18 -16.59
CA ASN A 252 -21.77 25.05 -17.04
C ASN A 252 -20.92 24.45 -18.15
N GLY A 253 -21.43 23.42 -18.82
CA GLY A 253 -20.69 22.78 -19.91
C GLY A 253 -20.03 21.49 -19.47
N SER A 254 -20.18 21.13 -18.19
CA SER A 254 -19.62 19.87 -17.70
C SER A 254 -20.18 18.71 -18.49
N VAL A 255 -19.38 17.65 -18.66
CA VAL A 255 -19.79 16.44 -19.38
C VAL A 255 -19.46 15.18 -18.58
N ALA A 256 -20.06 14.07 -18.98
CA ALA A 256 -19.77 12.77 -18.38
C ALA A 256 -19.67 11.72 -19.45
N VAL A 257 -18.45 11.36 -19.78
CA VAL A 257 -18.17 10.34 -20.81
C VAL A 257 -16.90 9.55 -20.44
N MSE A 258 -16.93 8.23 -20.60
CA MSE A 258 -15.77 7.38 -20.39
C MSE A 258 -15.93 6.15 -21.24
O MSE A 258 -17.02 5.88 -21.77
CB MSE A 258 -15.61 6.90 -18.93
CG MSE A 258 -15.43 8.03 -17.95
SE MSE A 258 -14.81 7.42 -16.19
CE MSE A 258 -12.89 7.20 -16.63
N SER A 259 -14.85 5.42 -21.41
CA SER A 259 -14.89 4.05 -21.89
C SER A 259 -15.74 3.16 -20.98
N ASP A 260 -16.01 1.96 -21.47
CA ASP A 260 -16.84 0.96 -20.81
C ASP A 260 -16.00 0.03 -19.96
N PRO A 261 -16.16 0.07 -18.63
CA PRO A 261 -15.43 -0.87 -17.78
C PRO A 261 -15.74 -2.32 -18.10
N ALA A 262 -16.94 -2.60 -18.60
CA ALA A 262 -17.33 -3.92 -18.96
C ALA A 262 -16.75 -4.45 -20.26
N GLN A 263 -15.76 -3.75 -20.83
CA GLN A 263 -14.91 -4.41 -21.79
C GLN A 263 -14.31 -5.70 -21.25
N SER A 264 -14.10 -5.78 -19.94
CA SER A 264 -13.62 -7.01 -19.33
C SER A 264 -14.60 -8.18 -19.49
N VAL A 265 -15.88 -7.88 -19.39
CA VAL A 265 -16.91 -8.90 -19.52
C VAL A 265 -17.02 -9.32 -20.98
N ALA A 266 -16.99 -8.35 -21.88
CA ALA A 266 -16.99 -8.67 -23.31
C ALA A 266 -15.76 -9.51 -23.67
N ALA A 267 -14.61 -9.22 -23.06
CA ALA A 267 -13.38 -9.98 -23.29
C ALA A 267 -13.54 -11.44 -22.81
N LEU A 268 -14.23 -11.63 -21.69
CA LEU A 268 -14.55 -12.97 -21.20
C LEU A 268 -15.34 -13.75 -22.25
N TRP A 269 -16.38 -13.14 -22.80
CA TRP A 269 -17.21 -13.82 -23.81
C TRP A 269 -16.41 -14.09 -25.07
N ALA A 270 -15.61 -13.13 -25.49
CA ALA A 270 -14.68 -13.36 -26.60
C ALA A 270 -13.78 -14.58 -26.36
N ALA A 271 -13.18 -14.66 -25.18
CA ALA A 271 -12.31 -15.78 -24.84
C ALA A 271 -13.03 -17.11 -24.94
N LEU A 272 -14.25 -17.18 -24.40
CA LEU A 272 -15.00 -18.42 -24.40
C LEU A 272 -15.36 -18.82 -25.84
N ASP A 273 -15.66 -17.86 -26.69
CA ASP A 273 -15.96 -18.18 -28.09
C ASP A 273 -14.70 -18.67 -28.81
N LEU A 274 -13.58 -18.04 -28.49
CA LEU A 274 -12.29 -18.44 -29.04
C LEU A 274 -11.98 -19.88 -28.64
N LEU A 275 -12.26 -20.21 -27.37
CA LEU A 275 -11.93 -21.53 -26.84
C LEU A 275 -12.76 -22.65 -27.45
N GLU A 276 -13.94 -22.34 -27.97
CA GLU A 276 -14.74 -23.35 -28.68
C GLU A 276 -14.60 -23.28 -30.20
N GLY A 277 -13.50 -22.70 -30.68
CA GLY A 277 -13.16 -22.72 -32.11
C GLY A 277 -13.81 -21.68 -33.01
N ARG A 278 -14.45 -20.68 -32.41
CA ARG A 278 -15.12 -19.65 -33.20
C ARG A 278 -14.14 -18.59 -33.63
N ASP A 279 -14.44 -17.98 -34.77
CA ASP A 279 -13.57 -16.98 -35.35
C ASP A 279 -14.06 -15.63 -34.90
N LEU A 280 -13.13 -14.79 -34.48
CA LEU A 280 -13.42 -13.41 -34.16
C LEU A 280 -12.50 -12.53 -35.00
N PRO A 281 -12.93 -11.30 -35.32
CA PRO A 281 -11.99 -10.34 -35.86
C PRO A 281 -10.84 -10.06 -34.89
N LYS A 282 -9.64 -9.90 -35.43
CA LYS A 282 -8.46 -9.60 -34.62
C LYS A 282 -8.60 -8.25 -33.90
N GLN A 283 -9.41 -7.37 -34.47
CA GLN A 283 -9.64 -6.04 -33.89
C GLN A 283 -11.14 -5.81 -33.78
N MSE A 284 -11.60 -5.46 -32.58
CA MSE A 284 -13.02 -5.22 -32.34
C MSE A 284 -13.19 -3.93 -31.57
O MSE A 284 -12.62 -3.75 -30.49
CB MSE A 284 -13.64 -6.37 -31.55
CG MSE A 284 -13.52 -7.73 -32.21
SE MSE A 284 -14.09 -9.18 -30.98
CE MSE A 284 -12.23 -9.56 -30.50
N THR A 285 -13.96 -3.01 -32.12
CA THR A 285 -14.32 -1.79 -31.40
C THR A 285 -15.71 -1.89 -30.79
N PHE A 286 -15.75 -1.85 -29.46
CA PHE A 286 -16.99 -1.83 -28.71
C PHE A 286 -17.28 -0.37 -28.25
N PRO A 287 -18.51 -0.10 -27.78
CA PRO A 287 -18.94 1.26 -27.52
C PRO A 287 -18.54 1.83 -26.17
N ILE A 288 -18.19 3.10 -26.19
CA ILE A 288 -17.96 3.87 -24.96
C ILE A 288 -19.30 4.14 -24.24
N VAL A 289 -19.23 4.82 -23.09
CA VAL A 289 -20.41 5.20 -22.29
C VAL A 289 -20.47 6.72 -22.23
N LEU A 290 -21.27 7.30 -23.14
CA LEU A 290 -21.52 8.73 -23.14
C LEU A 290 -22.83 8.99 -22.40
N ILE A 291 -22.77 9.78 -21.33
CA ILE A 291 -23.95 10.12 -20.54
C ILE A 291 -24.33 11.57 -20.84
N GLU A 292 -25.21 11.74 -21.83
CA GLU A 292 -25.81 13.04 -22.10
C GLU A 292 -26.87 13.35 -21.05
N GLU A 293 -27.29 14.62 -21.00
CA GLU A 293 -28.16 15.09 -19.92
C GLU A 293 -29.37 14.17 -19.73
N LYS A 294 -30.02 13.79 -20.82
CA LYS A 294 -31.20 12.94 -20.76
C LYS A 294 -30.96 11.56 -20.11
N ASP A 295 -29.72 11.07 -20.12
CA ASP A 295 -29.39 9.76 -19.53
C ASP A 295 -28.90 9.82 -18.08
N ARG A 296 -28.65 11.00 -17.54
CA ARG A 296 -28.08 11.14 -16.18
C ARG A 296 -28.89 10.45 -15.10
N ASP A 297 -30.16 10.83 -15.01
CA ASP A 297 -31.00 10.32 -13.93
C ASP A 297 -31.20 8.81 -14.06
N THR A 298 -31.37 8.33 -15.28
CA THR A 298 -31.51 6.90 -15.52
C THR A 298 -30.28 6.17 -14.94
N TRP A 299 -29.08 6.61 -15.30
CA TRP A 299 -27.87 6.00 -14.73
C TRP A 299 -27.81 6.19 -13.21
N ALA A 300 -28.07 7.41 -12.74
CA ALA A 300 -28.01 7.71 -11.31
C ALA A 300 -28.97 6.86 -10.48
N SER A 301 -30.06 6.42 -11.09
CA SER A 301 -31.03 5.57 -10.40
C SER A 301 -30.46 4.20 -10.10
N VAL A 302 -29.54 3.72 -10.94
CA VAL A 302 -29.04 2.36 -10.80
C VAL A 302 -27.66 2.26 -10.16
N LEU A 303 -26.81 3.25 -10.35
CA LEU A 303 -25.42 3.13 -9.91
C LEU A 303 -25.27 3.45 -8.44
N LYS A 304 -24.54 2.59 -7.73
CA LYS A 304 -24.05 2.90 -6.40
C LYS A 304 -22.99 4.00 -6.54
N PRO A 305 -22.70 4.71 -5.43
CA PRO A 305 -21.87 5.91 -5.56
C PRO A 305 -20.52 5.64 -6.26
N ASP A 306 -19.85 4.57 -5.88
CA ASP A 306 -18.55 4.24 -6.46
C ASP A 306 -18.61 3.39 -7.74
N GLU A 307 -19.82 3.08 -8.21
CA GLU A 307 -19.99 2.19 -9.36
C GLU A 307 -20.01 3.02 -10.63
N TYR A 308 -19.13 2.69 -11.56
CA TYR A 308 -19.07 3.35 -12.84
C TYR A 308 -20.06 2.72 -13.82
N ALA A 309 -20.64 3.54 -14.68
CA ALA A 309 -21.56 3.08 -15.71
C ALA A 309 -20.81 2.10 -16.62
N ALA A 310 -21.49 1.01 -16.94
CA ALA A 310 -20.93 -0.12 -17.67
C ALA A 310 -22.02 -0.80 -18.49
N TRP A 311 -21.71 -1.27 -19.71
CA TRP A 311 -22.74 -1.93 -20.50
C TRP A 311 -22.89 -3.38 -20.01
N PRO A 312 -24.13 -3.86 -19.86
CA PRO A 312 -24.32 -5.23 -19.37
C PRO A 312 -24.22 -6.27 -20.48
N TRP A 313 -22.99 -6.65 -20.82
CA TRP A 313 -22.78 -7.64 -21.87
C TRP A 313 -23.18 -9.03 -21.43
N THR A 314 -24.11 -9.62 -22.16
CA THR A 314 -24.39 -11.03 -22.08
C THR A 314 -23.60 -11.66 -23.23
N ARG A 315 -23.45 -12.96 -23.18
CA ARG A 315 -22.83 -13.67 -24.27
C ARG A 315 -23.57 -13.37 -25.59
N GLU A 316 -24.90 -13.30 -25.53
CA GLU A 316 -25.70 -12.99 -26.72
C GLU A 316 -25.49 -11.55 -27.24
N LEU A 317 -25.48 -10.57 -26.33
CA LEU A 317 -25.23 -9.18 -26.75
C LEU A 317 -23.82 -9.04 -27.30
N PHE A 318 -22.85 -9.72 -26.69
CA PHE A 318 -21.50 -9.78 -27.22
C PHE A 318 -21.49 -10.23 -28.69
N ARG A 319 -22.09 -11.41 -28.94
CA ARG A 319 -22.14 -11.98 -30.28
C ARG A 319 -22.83 -11.05 -31.29
N GLN A 320 -23.91 -10.40 -30.87
CA GLN A 320 -24.58 -9.40 -31.70
C GLN A 320 -23.63 -8.31 -32.15
N GLN A 321 -22.86 -7.77 -31.20
CA GLN A 321 -21.90 -6.70 -31.52
C GLN A 321 -20.81 -7.19 -32.46
N VAL A 322 -20.34 -8.42 -32.23
CA VAL A 322 -19.35 -9.02 -33.14
C VAL A 322 -19.95 -9.14 -34.55
N GLU A 323 -21.22 -9.56 -34.64
CA GLU A 323 -21.87 -9.67 -35.94
C GLU A 323 -22.00 -8.33 -36.64
N ALA A 324 -22.33 -7.29 -35.87
CA ALA A 324 -22.36 -5.93 -36.40
C ALA A 324 -20.99 -5.48 -36.89
N ILE A 325 -19.94 -5.85 -36.17
CA ILE A 325 -18.58 -5.49 -36.58
C ILE A 325 -18.20 -6.22 -37.87
N LYS A 326 -18.45 -7.53 -37.94
CA LYS A 326 -18.09 -8.32 -39.12
C LYS A 326 -18.83 -7.86 -40.35
N THR A 327 -20.13 -7.60 -40.18
CA THR A 327 -20.97 -7.20 -41.29
C THR A 327 -20.96 -5.70 -41.53
N GLY A 328 -20.27 -4.95 -40.68
CA GLY A 328 -20.26 -3.49 -40.79
C GLY A 328 -21.61 -2.85 -40.51
N GLY A 329 -22.50 -3.58 -39.83
CA GLY A 329 -23.82 -3.05 -39.45
C GLY A 329 -23.75 -2.01 -38.35
N GLU A 330 -24.90 -1.75 -37.71
CA GLU A 330 -24.99 -0.70 -36.70
C GLU A 330 -24.37 -1.13 -35.38
N PRO A 331 -23.52 -0.28 -34.79
CA PRO A 331 -23.04 -0.66 -33.46
C PRO A 331 -24.21 -0.98 -32.52
N VAL A 332 -24.09 -2.08 -31.78
CA VAL A 332 -25.08 -2.40 -30.76
C VAL A 332 -25.05 -1.29 -29.72
N GLN A 333 -26.23 -0.77 -29.40
CA GLN A 333 -26.39 0.26 -28.39
C GLN A 333 -26.98 -0.45 -27.18
N PRO A 334 -26.12 -0.89 -26.25
CA PRO A 334 -26.70 -1.71 -25.19
C PRO A 334 -27.61 -0.88 -24.30
N PRO A 335 -28.48 -1.56 -23.54
CA PRO A 335 -29.45 -0.84 -22.75
C PRO A 335 -28.84 -0.41 -21.43
N ILE A 336 -29.29 0.72 -20.92
CA ILE A 336 -28.92 1.14 -19.59
C ILE A 336 -29.64 0.18 -18.66
N PRO A 337 -28.91 -0.48 -17.75
CA PRO A 337 -29.60 -1.37 -16.84
C PRO A 337 -30.55 -0.58 -15.94
N SER A 338 -31.75 -1.13 -15.66
CA SER A 338 -32.63 -0.56 -14.63
C SER A 338 -32.44 -1.28 -13.28
N THR A 339 -31.64 -2.35 -13.30
CA THR A 339 -31.31 -3.10 -12.10
C THR A 339 -29.86 -3.59 -12.16
N LYS B 18 38.98 -13.16 29.76
CA LYS B 18 38.06 -12.05 29.34
C LYS B 18 36.66 -12.62 29.09
N PRO B 19 35.63 -11.82 29.37
CA PRO B 19 34.28 -12.41 29.40
C PRO B 19 33.70 -12.92 28.08
N PHE B 20 32.90 -13.99 28.20
CA PHE B 20 32.07 -14.54 27.15
C PHE B 20 30.63 -14.05 27.38
N ILE B 21 30.14 -13.26 26.43
CA ILE B 21 28.79 -12.68 26.45
C ILE B 21 27.95 -13.43 25.43
N ALA B 22 26.86 -14.05 25.87
CA ALA B 22 25.96 -14.76 24.99
C ALA B 22 24.65 -13.98 24.90
N LEU B 23 24.03 -13.95 23.72
CA LEU B 23 22.75 -13.30 23.48
C LEU B 23 21.75 -14.29 22.92
N SER B 24 20.61 -14.42 23.59
CA SER B 24 19.53 -15.26 23.13
C SER B 24 18.34 -14.40 22.76
N ASN B 25 17.96 -14.50 21.48
CA ASN B 25 16.87 -13.72 20.93
C ASN B 25 15.66 -14.59 20.54
N GLY B 26 14.48 -14.20 21.02
CA GLY B 26 13.28 -14.99 20.86
C GLY B 26 12.60 -14.90 19.51
N PHE B 27 12.91 -13.89 18.71
CA PHE B 27 12.26 -13.73 17.42
C PHE B 27 13.18 -12.97 16.50
N ILE B 28 13.35 -13.50 15.29
CA ILE B 28 14.23 -12.86 14.34
C ILE B 28 13.55 -12.48 13.01
N GLY B 29 12.25 -12.76 12.88
CA GLY B 29 11.50 -12.59 11.62
C GLY B 29 10.91 -11.20 11.36
N ASN B 30 11.63 -10.16 11.75
CA ASN B 30 11.37 -8.78 11.31
C ASN B 30 12.67 -7.99 11.23
N GLY B 31 12.66 -6.89 10.48
CA GLY B 31 13.89 -6.11 10.20
C GLY B 31 14.44 -5.39 11.44
N TRP B 32 13.55 -5.06 12.37
CA TRP B 32 13.93 -4.41 13.63
C TRP B 32 14.85 -5.35 14.40
N ARG B 33 14.42 -6.61 14.54
CA ARG B 33 15.22 -7.61 15.22
C ARG B 33 16.57 -7.82 14.49
N GLN B 34 16.55 -7.74 13.17
CA GLN B 34 17.80 -7.88 12.40
C GLN B 34 18.78 -6.74 12.63
N THR B 35 18.28 -5.51 12.75
CA THR B 35 19.14 -4.40 13.13
C THR B 35 19.63 -4.57 14.58
N MSE B 36 18.75 -5.00 15.47
N MSE B 36 18.74 -5.01 15.46
CA MSE B 36 19.14 -5.25 16.87
CA MSE B 36 19.10 -5.26 16.87
C MSE B 36 20.33 -6.18 16.96
C MSE B 36 20.29 -6.19 16.99
O MSE B 36 21.31 -5.89 17.66
O MSE B 36 21.24 -5.91 17.74
CB MSE B 36 17.96 -5.85 17.58
CB MSE B 36 17.86 -5.80 17.57
CG MSE B 36 18.36 -6.31 18.98
CG MSE B 36 18.10 -5.95 19.06
SE MSE B 36 16.78 -7.26 19.64
SE MSE B 36 18.78 -7.76 19.31
CE MSE B 36 17.26 -8.98 18.83
CE MSE B 36 17.03 -8.66 19.43
N ILE B 37 20.25 -7.31 16.25
CA ILE B 37 21.38 -8.24 16.22
C ILE B 37 22.60 -7.58 15.57
N ALA B 38 22.43 -6.91 14.44
CA ALA B 38 23.57 -6.32 13.74
C ALA B 38 24.31 -5.29 14.62
N LYS B 39 23.57 -4.49 15.38
CA LYS B 39 24.18 -3.48 16.24
C LYS B 39 24.94 -4.13 17.39
N PHE B 40 24.35 -5.17 17.97
CA PHE B 40 25.05 -5.96 18.98
C PHE B 40 26.34 -6.55 18.43
N GLU B 41 26.26 -7.19 17.27
CA GLU B 41 27.43 -7.86 16.73
C GLU B 41 28.55 -6.87 16.41
N GLU B 42 28.18 -5.71 15.89
CA GLU B 42 29.14 -4.63 15.67
C GLU B 42 29.80 -4.21 16.99
N ALA B 43 29.01 -4.00 18.03
CA ALA B 43 29.54 -3.50 19.29
C ALA B 43 30.39 -4.55 19.98
N ALA B 44 29.95 -5.80 19.92
CA ALA B 44 30.66 -6.92 20.52
C ALA B 44 32.02 -7.11 19.85
N LYS B 45 32.01 -7.10 18.52
CA LYS B 45 33.24 -7.25 17.71
C LYS B 45 34.26 -6.20 18.12
N GLN B 46 33.80 -4.96 18.22
CA GLN B 46 34.63 -3.85 18.65
C GLN B 46 35.14 -4.02 20.10
N ALA B 47 34.25 -4.40 21.00
CA ALA B 47 34.65 -4.69 22.36
C ALA B 47 35.73 -5.80 22.45
N GLN B 48 35.60 -6.81 21.58
CA GLN B 48 36.56 -7.91 21.55
C GLN B 48 37.93 -7.43 21.12
N ALA B 49 37.96 -6.70 20.01
CA ALA B 49 39.19 -6.07 19.52
C ALA B 49 39.79 -5.18 20.59
N ASP B 50 38.97 -4.58 21.44
CA ASP B 50 39.43 -3.68 22.51
C ASP B 50 39.79 -4.37 23.83
N GLY B 51 39.73 -5.69 23.88
CA GLY B 51 40.11 -6.43 25.07
C GLY B 51 39.10 -6.40 26.21
N LEU B 52 37.88 -5.95 25.92
CA LEU B 52 36.85 -5.89 26.96
C LEU B 52 36.08 -7.20 27.05
N ILE B 53 36.02 -7.95 25.94
CA ILE B 53 35.45 -9.30 25.98
C ILE B 53 36.32 -10.28 25.23
N GLY B 54 36.18 -11.56 25.59
CA GLY B 54 36.94 -12.63 24.95
C GLY B 54 36.17 -13.26 23.81
N LYS B 55 34.85 -13.28 23.90
CA LYS B 55 34.05 -13.80 22.83
C LYS B 55 32.58 -13.50 23.05
N TYR B 56 31.82 -13.62 21.97
CA TYR B 56 30.38 -13.48 22.02
C TYR B 56 29.72 -14.48 21.08
N LYS B 57 28.43 -14.70 21.32
CA LYS B 57 27.65 -15.59 20.50
C LYS B 57 26.19 -15.14 20.55
N VAL B 58 25.58 -15.18 19.37
CA VAL B 58 24.18 -14.89 19.17
C VAL B 58 23.43 -16.14 18.74
N VAL B 59 22.31 -16.41 19.40
CA VAL B 59 21.45 -17.47 18.97
C VAL B 59 20.02 -16.97 18.86
N ASN B 60 19.40 -17.22 17.69
CA ASN B 60 18.03 -16.83 17.42
C ASN B 60 17.12 -18.03 17.44
N ALA B 61 15.97 -17.89 18.11
CA ALA B 61 14.93 -18.91 18.07
C ALA B 61 14.15 -18.78 16.74
N PRO B 62 13.98 -19.88 16.00
CA PRO B 62 13.25 -19.78 14.72
C PRO B 62 11.74 -19.73 14.92
N GLY B 63 10.99 -19.43 13.88
CA GLY B 63 9.53 -19.49 13.96
C GLY B 63 8.88 -18.26 14.56
N ASN B 64 7.57 -18.31 14.79
CA ASN B 64 6.84 -17.12 15.18
C ASN B 64 6.83 -16.86 16.69
N ASN B 65 8.02 -16.53 17.21
CA ASN B 65 8.21 -16.14 18.61
C ASN B 65 7.93 -17.34 19.53
N SER B 66 8.69 -18.44 19.34
CA SER B 66 8.49 -19.71 20.09
C SER B 66 9.40 -19.84 21.33
N ALA B 67 8.78 -19.79 22.50
CA ALA B 67 9.47 -19.87 23.76
C ALA B 67 10.12 -21.25 24.01
N THR B 68 9.46 -22.32 23.59
CA THR B 68 9.99 -23.66 23.83
C THR B 68 11.38 -23.88 23.24
N GLU B 69 11.60 -23.46 21.99
CA GLU B 69 12.92 -23.65 21.37
C GLU B 69 13.98 -22.68 21.92
N GLN B 70 13.57 -21.47 22.32
CA GLN B 70 14.49 -20.55 22.96
C GLN B 70 14.97 -21.10 24.32
N VAL B 71 14.09 -21.74 25.08
CA VAL B 71 14.50 -22.33 26.34
C VAL B 71 15.59 -23.37 26.12
N ALA B 72 15.42 -24.23 25.11
CA ALA B 72 16.43 -25.25 24.77
C ALA B 72 17.74 -24.61 24.32
N GLN B 73 17.65 -23.56 23.51
CA GLN B 73 18.86 -22.89 23.08
C GLN B 73 19.59 -22.28 24.26
N ILE B 74 18.87 -21.69 25.20
CA ILE B 74 19.55 -21.15 26.37
C ILE B 74 20.31 -22.26 27.12
N LYS B 75 19.68 -23.41 27.28
CA LYS B 75 20.34 -24.53 27.95
C LYS B 75 21.65 -24.91 27.26
N SER B 76 21.63 -24.96 25.93
CA SER B 76 22.86 -25.21 25.16
C SER B 76 23.89 -24.12 25.33
N LEU B 77 23.44 -22.87 25.46
CA LEU B 77 24.35 -21.77 25.75
C LEU B 77 25.00 -21.92 27.12
N LEU B 78 24.23 -22.27 28.13
CA LEU B 78 24.78 -22.41 29.49
C LEU B 78 25.86 -23.48 29.58
N LEU B 79 25.81 -24.50 28.74
CA LEU B 79 26.90 -25.50 28.69
C LEU B 79 28.22 -24.89 28.22
N GLN B 80 28.18 -23.77 27.50
CA GLN B 80 29.39 -23.10 27.03
C GLN B 80 29.94 -22.09 28.06
N LYS B 81 29.31 -22.02 29.22
CA LYS B 81 29.78 -21.23 30.37
C LYS B 81 29.95 -19.73 30.04
N PRO B 82 28.88 -19.08 29.59
CA PRO B 82 28.96 -17.64 29.39
C PRO B 82 29.04 -16.89 30.72
N ASP B 83 29.73 -15.76 30.71
CA ASP B 83 29.79 -14.92 31.91
C ASP B 83 28.55 -14.03 32.09
N ALA B 84 27.98 -13.61 30.96
CA ALA B 84 26.71 -12.90 30.94
C ALA B 84 25.85 -13.42 29.82
N LEU B 85 24.55 -13.38 30.05
CA LEU B 85 23.58 -13.78 29.05
C LEU B 85 22.57 -12.64 28.87
N LEU B 86 22.44 -12.19 27.63
CA LEU B 86 21.49 -11.13 27.30
C LEU B 86 20.29 -11.78 26.60
N ILE B 87 19.08 -11.47 27.02
CA ILE B 87 17.93 -12.24 26.57
C ILE B 87 16.83 -11.32 26.09
N ASN B 88 16.41 -11.49 24.83
CA ASN B 88 15.17 -10.92 24.37
C ASN B 88 14.12 -12.03 24.42
N PRO B 89 13.23 -11.98 25.41
CA PRO B 89 12.43 -13.18 25.66
C PRO B 89 11.24 -13.33 24.74
N ALA B 90 10.96 -14.58 24.36
CA ALA B 90 9.84 -14.87 23.46
C ALA B 90 8.53 -14.79 24.22
N SER B 91 8.58 -15.00 25.54
CA SER B 91 7.36 -15.10 26.39
C SER B 91 7.53 -14.38 27.74
N PRO B 92 6.44 -13.84 28.31
CA PRO B 92 6.62 -13.19 29.61
C PRO B 92 6.92 -14.16 30.77
N THR B 93 6.71 -15.46 30.57
CA THR B 93 6.75 -16.45 31.68
C THR B 93 7.59 -17.71 31.41
N ALA B 94 7.67 -18.17 30.18
CA ALA B 94 8.26 -19.49 29.88
C ALA B 94 9.77 -19.58 30.18
N LEU B 95 10.48 -18.45 30.25
CA LEU B 95 11.95 -18.48 30.43
C LEU B 95 12.38 -18.38 31.89
N GLN B 96 11.43 -18.18 32.79
CA GLN B 96 11.77 -17.91 34.19
C GLN B 96 12.66 -18.99 34.79
N PRO B 97 12.31 -20.28 34.60
CA PRO B 97 13.18 -21.31 35.20
C PRO B 97 14.63 -21.32 34.65
N VAL B 98 14.79 -21.22 33.33
CA VAL B 98 16.13 -21.27 32.78
C VAL B 98 16.91 -20.01 33.11
N ILE B 99 16.22 -18.88 33.29
CA ILE B 99 16.86 -17.66 33.78
C ILE B 99 17.39 -17.87 35.20
N GLN B 100 16.58 -18.47 36.05
CA GLN B 100 17.03 -18.79 37.39
C GLN B 100 18.17 -19.82 37.38
N GLN B 101 18.14 -20.76 36.43
CA GLN B 101 19.21 -21.74 36.28
C GLN B 101 20.52 -21.03 35.93
N ALA B 102 20.44 -20.08 35.02
CA ALA B 102 21.59 -19.27 34.63
C ALA B 102 22.16 -18.51 35.83
N CYS B 103 21.31 -17.82 36.57
CA CYS B 103 21.77 -17.08 37.76
C CYS B 103 22.37 -17.99 38.84
N ASP B 104 21.79 -19.16 39.06
CA ASP B 104 22.31 -20.09 40.07
C ASP B 104 23.71 -20.57 39.68
N ALA B 105 23.98 -20.60 38.37
CA ALA B 105 25.29 -20.98 37.86
C ALA B 105 26.27 -19.81 37.83
N GLY B 106 25.87 -18.64 38.32
CA GLY B 106 26.75 -17.49 38.41
C GLY B 106 26.77 -16.57 37.18
N VAL B 107 25.88 -16.79 36.23
CA VAL B 107 25.82 -15.97 35.01
C VAL B 107 25.06 -14.67 35.33
N LYS B 108 25.59 -13.53 34.92
CA LYS B 108 24.83 -12.26 34.99
C LYS B 108 23.80 -12.22 33.86
N VAL B 109 22.53 -11.98 34.21
CA VAL B 109 21.46 -12.03 33.22
C VAL B 109 20.82 -10.65 33.03
N VAL B 110 20.84 -10.20 31.79
CA VAL B 110 20.16 -8.97 31.41
C VAL B 110 19.08 -9.30 30.40
N VAL B 111 17.81 -9.16 30.83
CA VAL B 111 16.68 -9.24 29.96
C VAL B 111 16.52 -7.87 29.32
N PHE B 112 16.45 -7.80 27.99
CA PHE B 112 16.29 -6.50 27.36
C PHE B 112 15.17 -6.54 26.33
N ASP B 113 14.66 -5.36 26.02
CA ASP B 113 13.52 -5.18 25.13
C ASP B 113 12.28 -5.93 25.64
N SER B 114 12.16 -6.01 26.97
CA SER B 114 11.01 -6.65 27.64
C SER B 114 11.15 -6.38 29.13
N ALA B 115 10.05 -6.53 29.86
CA ALA B 115 10.05 -6.47 31.33
C ALA B 115 9.33 -7.72 31.75
N ILE B 116 10.02 -8.59 32.43
CA ILE B 116 9.41 -9.82 32.88
C ILE B 116 9.80 -9.97 34.34
N ASP B 117 9.02 -10.77 35.03
CA ASP B 117 9.18 -11.02 36.44
C ASP B 117 10.16 -12.16 36.68
N ALA B 118 11.45 -11.87 36.49
CA ALA B 118 12.51 -12.83 36.75
C ALA B 118 13.45 -12.16 37.73
N PRO B 119 13.28 -12.43 39.05
CA PRO B 119 13.95 -11.63 40.09
C PRO B 119 15.47 -11.52 39.99
N CYS B 120 16.14 -12.56 39.52
CA CYS B 120 17.60 -12.53 39.47
C CYS B 120 18.14 -11.75 38.27
N ALA B 121 17.29 -11.40 37.30
CA ALA B 121 17.76 -10.70 36.10
C ALA B 121 17.62 -9.19 36.25
N TYR B 122 18.41 -8.47 35.47
CA TYR B 122 18.30 -7.03 35.29
C TYR B 122 17.48 -6.79 34.04
N ILE B 123 16.55 -5.83 34.10
CA ILE B 123 15.66 -5.52 32.97
C ILE B 123 16.09 -4.17 32.37
N LEU B 124 16.29 -4.15 31.04
CA LEU B 124 16.61 -2.94 30.32
C LEU B 124 15.63 -2.89 29.15
N GLN B 125 14.71 -1.94 29.18
CA GLN B 125 13.58 -1.90 28.25
C GLN B 125 13.41 -0.52 27.65
N ASN B 126 12.37 -0.35 26.84
CA ASN B 126 11.90 0.97 26.46
C ASN B 126 10.46 1.05 27.01
N SER B 127 9.88 2.25 26.98
CA SER B 127 8.44 2.46 27.33
C SER B 127 7.56 2.03 26.16
N PHE B 128 7.07 0.81 26.25
CA PHE B 128 6.20 0.27 25.22
C PHE B 128 4.86 0.99 25.31
N VAL B 129 4.51 1.45 26.51
CA VAL B 129 3.33 2.26 26.64
C VAL B 129 3.45 3.56 25.85
N ASP B 130 4.60 4.24 25.92
CA ASP B 130 4.76 5.50 25.16
C ASP B 130 4.73 5.26 23.68
N TRP B 131 5.36 4.17 23.23
CA TRP B 131 5.35 3.86 21.79
C TRP B 131 3.91 3.64 21.33
N ALA B 132 3.18 2.77 22.01
CA ALA B 132 1.80 2.51 21.59
C ALA B 132 0.93 3.77 21.58
N THR B 133 1.18 4.67 22.51
CA THR B 133 0.42 5.91 22.60
C THR B 133 0.78 6.82 21.43
N TYR B 134 2.08 6.92 21.10
CA TYR B 134 2.55 7.74 20.00
C TYR B 134 2.11 7.19 18.63
N ALA B 135 1.88 5.88 18.58
CA ALA B 135 1.44 5.23 17.35
C ALA B 135 -0.07 5.36 17.16
N ALA B 136 -0.82 5.43 18.25
CA ALA B 136 -2.28 5.39 18.15
C ALA B 136 -2.89 6.79 18.24
N LYS B 137 -2.56 7.50 19.29
CA LYS B 137 -3.24 8.76 19.60
C LYS B 137 -3.14 9.83 18.50
N PRO B 138 -1.93 10.15 18.04
CA PRO B 138 -1.86 11.16 17.00
C PRO B 138 -2.54 10.69 15.70
N VAL B 139 -2.54 9.39 15.46
CA VAL B 139 -3.15 8.86 14.28
C VAL B 139 -4.67 9.04 14.30
N LEU B 140 -5.26 8.75 15.44
CA LEU B 140 -6.70 8.93 15.58
C LEU B 140 -7.11 10.41 15.53
N GLU B 141 -6.27 11.28 16.09
CA GLU B 141 -6.51 12.72 16.00
C GLU B 141 -6.47 13.14 14.52
N SER B 142 -5.53 12.61 13.75
CA SER B 142 -5.35 13.01 12.34
C SER B 142 -6.52 12.59 11.44
N ILE B 143 -7.36 11.68 11.92
CA ILE B 143 -8.59 11.30 11.18
C ILE B 143 -9.83 11.90 11.85
N GLY B 144 -9.61 12.94 12.66
CA GLY B 144 -10.70 13.63 13.33
C GLY B 144 -11.47 12.82 14.35
N GLY B 145 -10.86 11.77 14.90
CA GLY B 145 -11.51 10.95 15.91
C GLY B 145 -12.74 10.18 15.43
N LYS B 146 -12.84 9.95 14.13
CA LYS B 146 -13.93 9.16 13.56
C LYS B 146 -13.43 8.43 12.32
N GLY B 147 -14.06 7.31 12.00
CA GLY B 147 -13.68 6.55 10.83
C GLY B 147 -13.45 5.08 11.15
N ASN B 148 -12.87 4.40 10.18
CA ASN B 148 -12.59 2.97 10.27
C ASN B 148 -11.08 2.75 10.35
N VAL B 149 -10.67 1.87 11.26
CA VAL B 149 -9.26 1.55 11.43
C VAL B 149 -9.02 0.05 11.41
N ILE B 150 -7.82 -0.33 10.97
CA ILE B 150 -7.33 -1.69 11.14
C ILE B 150 -6.22 -1.65 12.21
N VAL B 151 -6.24 -2.60 13.13
CA VAL B 151 -5.19 -2.78 14.12
C VAL B 151 -4.32 -3.97 13.71
N VAL B 152 -3.02 -3.71 13.53
CA VAL B 152 -2.08 -4.77 13.17
C VAL B 152 -1.20 -5.02 14.40
N ARG B 153 -1.32 -6.19 15.03
CA ARG B 153 -0.60 -6.44 16.27
C ARG B 153 0.86 -6.75 15.93
N GLY B 154 1.71 -6.60 16.95
CA GLY B 154 3.15 -6.76 16.81
C GLY B 154 3.64 -8.19 16.96
N VAL B 155 4.66 -8.38 17.82
CA VAL B 155 5.24 -9.70 18.05
C VAL B 155 4.40 -10.43 19.07
N VAL B 156 3.30 -11.02 18.58
CA VAL B 156 2.35 -11.69 19.42
C VAL B 156 3.02 -12.85 20.15
N GLY B 157 2.75 -12.91 21.45
CA GLY B 157 3.33 -13.86 22.39
C GLY B 157 4.30 -13.13 23.32
N SER B 158 4.89 -12.04 22.85
CA SER B 158 5.89 -11.32 23.63
C SER B 158 5.22 -10.41 24.67
N GLN B 159 5.96 -10.06 25.71
CA GLN B 159 5.46 -9.18 26.74
C GLN B 159 5.19 -7.74 26.23
N PRO B 160 6.12 -7.16 25.45
CA PRO B 160 5.81 -5.80 24.96
C PRO B 160 4.59 -5.75 24.05
N GLU B 161 4.42 -6.74 23.18
CA GLU B 161 3.25 -6.75 22.29
C GLU B 161 1.96 -6.80 23.10
N ALA B 162 1.92 -7.58 24.17
CA ALA B 162 0.71 -7.70 24.96
C ALA B 162 0.40 -6.36 25.67
N GLU B 163 1.42 -5.67 26.15
CA GLU B 163 1.20 -4.38 26.82
C GLU B 163 0.72 -3.31 25.84
N MSE B 164 1.34 -3.28 24.65
CA MSE B 164 0.96 -2.28 23.67
C MSE B 164 -0.44 -2.55 23.14
O MSE B 164 -1.19 -1.62 22.91
CB MSE B 164 1.99 -2.26 22.50
CG MSE B 164 3.31 -1.78 23.07
SE MSE B 164 4.71 -1.36 21.73
CE MSE B 164 5.31 -3.17 21.27
N TYR B 165 -0.80 -3.81 22.95
CA TYR B 165 -2.17 -4.11 22.51
C TYR B 165 -3.19 -3.59 23.53
N GLU B 166 -2.93 -3.80 24.82
CA GLU B 166 -3.81 -3.25 25.83
C GLU B 166 -3.86 -1.75 25.72
N THR B 167 -2.73 -1.10 25.47
CA THR B 167 -2.67 0.36 25.40
C THR B 167 -3.46 0.86 24.18
N THR B 168 -3.24 0.22 23.05
CA THR B 168 -3.97 0.54 21.83
C THR B 168 -5.49 0.46 22.05
N LYS B 169 -5.97 -0.63 22.66
CA LYS B 169 -7.41 -0.76 22.91
C LYS B 169 -7.93 0.32 23.85
N LYS B 170 -7.15 0.65 24.88
CA LYS B 170 -7.55 1.67 25.82
C LYS B 170 -7.73 3.01 25.11
N ILE B 171 -6.80 3.35 24.23
CA ILE B 171 -6.86 4.59 23.49
C ILE B 171 -8.05 4.57 22.53
N LEU B 172 -8.28 3.46 21.84
CA LEU B 172 -9.41 3.35 20.93
C LEU B 172 -10.72 3.57 21.66
N ALA B 173 -10.81 3.13 22.92
CA ALA B 173 -12.05 3.23 23.70
C ALA B 173 -12.41 4.68 24.00
N GLU B 174 -11.43 5.57 23.92
CA GLU B 174 -11.66 7.00 24.06
C GLU B 174 -12.19 7.63 22.77
N TYR B 175 -12.24 6.88 21.68
CA TYR B 175 -12.81 7.36 20.41
C TYR B 175 -13.98 6.50 19.97
N PRO B 176 -15.17 6.74 20.57
CA PRO B 176 -16.41 6.02 20.27
C PRO B 176 -16.79 5.98 18.80
N GLN B 177 -16.47 7.03 18.06
CA GLN B 177 -16.84 7.08 16.64
C GLN B 177 -15.78 6.44 15.75
N VAL B 178 -14.72 5.89 16.34
CA VAL B 178 -13.76 5.13 15.56
C VAL B 178 -14.15 3.66 15.63
N LYS B 179 -14.23 2.99 14.48
CA LYS B 179 -14.57 1.56 14.45
C LYS B 179 -13.36 0.73 13.99
N THR B 180 -13.05 -0.34 14.73
CA THR B 180 -12.01 -1.28 14.34
C THR B 180 -12.68 -2.25 13.40
N VAL B 181 -12.30 -2.24 12.12
CA VAL B 181 -12.97 -3.07 11.14
C VAL B 181 -12.25 -4.41 10.90
N ALA B 182 -11.00 -4.50 11.36
CA ALA B 182 -10.24 -5.74 11.37
C ALA B 182 -9.09 -5.66 12.37
N THR B 183 -8.81 -6.77 13.04
CA THR B 183 -7.56 -6.96 13.77
C THR B 183 -6.81 -8.14 13.20
N VAL B 184 -5.53 -7.92 12.89
CA VAL B 184 -4.66 -8.93 12.33
C VAL B 184 -3.29 -8.92 13.01
N THR B 185 -2.48 -9.95 12.74
CA THR B 185 -1.13 -10.07 13.29
C THR B 185 -0.10 -9.76 12.23
N GLY B 186 0.79 -8.81 12.53
CA GLY B 186 1.88 -8.45 11.61
C GLY B 186 3.29 -8.76 12.03
N MSE B 187 3.53 -9.07 13.32
CA MSE B 187 4.87 -9.42 13.81
C MSE B 187 5.87 -8.29 13.62
O MSE B 187 7.05 -8.53 13.62
CB MSE B 187 5.41 -10.73 13.21
CG MSE B 187 4.44 -11.91 13.24
SE MSE B 187 4.05 -12.47 15.11
CE MSE B 187 5.85 -13.03 15.61
N CYS B 188 5.40 -7.05 13.50
CA CYS B 188 6.22 -5.87 13.18
C CYS B 188 7.07 -6.12 11.95
N ASP B 189 6.49 -6.79 10.96
CA ASP B 189 7.19 -7.15 9.72
C ASP B 189 6.35 -6.69 8.54
N GLY B 190 6.92 -5.83 7.71
CA GLY B 190 6.22 -5.30 6.54
C GLY B 190 5.47 -6.34 5.75
N ALA B 191 6.20 -7.37 5.33
CA ALA B 191 5.64 -8.33 4.39
C ALA B 191 4.51 -9.11 5.04
N THR B 192 4.69 -9.45 6.33
CA THR B 192 3.67 -10.17 7.06
C THR B 192 2.41 -9.33 7.20
N ALA B 193 2.57 -8.06 7.59
CA ALA B 193 1.44 -7.15 7.74
C ALA B 193 0.75 -6.95 6.38
N GLN B 194 1.55 -6.79 5.35
CA GLN B 194 1.04 -6.62 3.97
C GLN B 194 0.07 -7.73 3.59
N LYS B 195 0.53 -8.95 3.75
CA LYS B 195 -0.27 -10.14 3.46
C LYS B 195 -1.57 -10.16 4.28
N ALA B 196 -1.45 -9.94 5.59
CA ALA B 196 -2.61 -9.95 6.47
C ALA B 196 -3.62 -8.86 6.12
N VAL B 197 -3.12 -7.66 5.86
CA VAL B 197 -4.00 -6.54 5.57
C VAL B 197 -4.67 -6.78 4.20
N LEU B 198 -3.91 -7.26 3.24
CA LEU B 198 -4.45 -7.52 1.88
C LEU B 198 -5.62 -8.48 1.98
N GLY B 199 -5.45 -9.49 2.83
CA GLY B 199 -6.46 -10.50 3.10
C GLY B 199 -7.81 -9.97 3.54
N VAL B 200 -7.84 -8.83 4.22
CA VAL B 200 -9.10 -8.35 4.78
C VAL B 200 -9.70 -7.22 3.97
N LEU B 201 -8.88 -6.58 3.14
CA LEU B 201 -9.29 -5.38 2.42
C LEU B 201 -10.58 -5.57 1.60
N PRO B 202 -10.70 -6.68 0.85
CA PRO B 202 -11.96 -6.86 0.11
C PRO B 202 -13.21 -6.90 1.01
N SER B 203 -13.07 -7.28 2.27
CA SER B 203 -14.22 -7.50 3.13
C SER B 203 -14.65 -6.25 3.92
N VAL B 204 -13.84 -5.19 3.94
CA VAL B 204 -14.15 -4.05 4.81
C VAL B 204 -14.47 -2.77 4.05
N SER B 205 -15.13 -1.85 4.77
CA SER B 205 -15.38 -0.48 4.30
C SER B 205 -14.07 0.30 4.21
N THR B 206 -14.14 1.50 3.65
N THR B 206 -14.14 1.52 3.69
CA THR B 206 -13.00 2.42 3.56
CA THR B 206 -12.97 2.40 3.54
C THR B 206 -12.22 2.46 4.88
C THR B 206 -12.22 2.52 4.88
N VAL B 207 -10.90 2.37 4.81
CA VAL B 207 -10.05 2.38 6.00
C VAL B 207 -9.32 3.69 6.04
N ASP B 208 -9.48 4.42 7.14
CA ASP B 208 -8.86 5.73 7.32
C ASP B 208 -7.48 5.67 7.99
N ALA B 209 -7.27 4.64 8.82
CA ALA B 209 -5.97 4.45 9.45
C ALA B 209 -5.67 2.98 9.74
N VAL B 210 -4.38 2.67 9.75
CA VAL B 210 -3.92 1.34 10.19
C VAL B 210 -2.91 1.52 11.32
N ILE B 211 -3.29 1.10 12.52
CA ILE B 211 -2.45 1.28 13.72
C ILE B 211 -1.71 -0.01 13.92
N GLY B 212 -0.41 0.06 13.62
CA GLY B 212 0.42 -1.13 13.57
C GLY B 212 1.66 -1.02 14.42
N CYS B 213 2.55 -1.99 14.20
CA CYS B 213 3.84 -2.07 14.85
C CYS B 213 4.97 -1.90 13.82
N GLY B 214 5.35 -0.66 13.54
CA GLY B 214 6.39 -0.34 12.55
C GLY B 214 6.25 -1.16 11.27
N ASP B 215 5.08 -1.13 10.67
CA ASP B 215 4.77 -1.98 9.53
C ASP B 215 4.12 -1.22 8.37
N GLY B 216 4.16 0.11 8.46
CA GLY B 216 3.44 0.99 7.57
C GLY B 216 3.78 0.89 6.09
N TYR B 217 5.03 0.58 5.76
CA TYR B 217 5.42 0.39 4.37
C TYR B 217 4.73 -0.84 3.78
N GLY B 218 4.71 -1.92 4.54
CA GLY B 218 4.02 -3.15 4.14
C GLY B 218 2.51 -2.93 4.02
N VAL B 219 1.95 -2.20 4.97
CA VAL B 219 0.53 -1.88 4.91
C VAL B 219 0.19 -1.10 3.61
N ALA B 220 1.02 -0.13 3.28
CA ALA B 220 0.78 0.70 2.10
C ALA B 220 0.87 -0.10 0.80
N GLN B 221 1.81 -1.04 0.70
CA GLN B 221 1.88 -1.96 -0.42
C GLN B 221 0.54 -2.70 -0.62
N ALA B 222 -0.07 -3.15 0.48
CA ALA B 222 -1.36 -3.85 0.39
C ALA B 222 -2.40 -2.93 -0.25
N PHE B 223 -2.47 -1.69 0.23
CA PHE B 223 -3.43 -0.74 -0.30
C PHE B 223 -3.16 -0.44 -1.78
N ALA B 224 -1.90 -0.29 -2.16
CA ALA B 224 -1.55 -0.12 -3.59
C ALA B 224 -1.99 -1.31 -4.44
N THR B 225 -1.81 -2.53 -3.93
CA THR B 225 -2.20 -3.73 -4.68
C THR B 225 -3.72 -3.73 -4.92
N ALA B 226 -4.46 -3.25 -3.93
CA ALA B 226 -5.91 -3.12 -4.02
C ALA B 226 -6.34 -1.86 -4.79
N GLY B 227 -5.41 -0.95 -5.06
CA GLY B 227 -5.73 0.32 -5.73
C GLY B 227 -6.52 1.28 -4.85
N LYS B 228 -6.47 1.07 -3.54
CA LYS B 228 -7.15 1.94 -2.60
C LYS B 228 -6.19 2.98 -2.04
N PRO B 229 -6.69 4.18 -1.71
CA PRO B 229 -5.82 5.25 -1.19
C PRO B 229 -5.10 4.83 0.09
N ILE B 230 -3.86 5.29 0.26
CA ILE B 230 -3.06 4.94 1.41
C ILE B 230 -3.67 5.62 2.66
N PRO B 231 -3.98 4.86 3.69
CA PRO B 231 -4.49 5.49 4.93
C PRO B 231 -3.36 6.06 5.79
N ALA B 232 -3.69 6.70 6.92
CA ALA B 232 -2.63 7.01 7.89
C ALA B 232 -2.05 5.68 8.41
N VAL B 233 -0.72 5.51 8.36
CA VAL B 233 -0.07 4.26 8.82
C VAL B 233 1.03 4.55 9.84
N THR B 234 1.58 3.50 10.43
CA THR B 234 2.63 3.62 11.44
C THR B 234 3.86 3.01 10.81
N PHE B 235 4.72 3.87 10.28
CA PHE B 235 5.88 3.41 9.54
C PHE B 235 6.96 2.74 10.37
N GLU B 236 7.61 1.78 9.74
CA GLU B 236 8.99 1.39 10.12
C GLU B 236 9.85 2.62 10.33
N THR B 237 10.72 2.57 11.34
CA THR B 237 11.78 3.57 11.48
C THR B 237 13.03 3.23 10.63
N ASN B 238 12.84 2.72 9.41
CA ASN B 238 14.00 2.37 8.57
C ASN B 238 14.17 3.27 7.34
N GLY B 239 15.29 3.14 6.65
CA GLY B 239 15.60 3.99 5.50
C GLY B 239 14.53 3.94 4.43
N ARG B 240 14.04 2.76 4.10
CA ARG B 240 13.06 2.59 3.03
C ARG B 240 11.72 3.27 3.34
N ALA B 241 11.27 3.14 4.59
CA ALA B 241 9.94 3.69 4.92
C ALA B 241 10.01 5.21 4.97
N LEU B 242 11.13 5.73 5.47
CA LEU B 242 11.35 7.17 5.52
C LEU B 242 11.50 7.76 4.11
N SER B 243 12.15 7.03 3.22
CA SER B 243 12.22 7.45 1.80
C SER B 243 10.86 7.42 1.10
N TYR B 244 10.08 6.39 1.36
CA TYR B 244 8.73 6.26 0.82
C TYR B 244 7.84 7.42 1.28
N TRP B 245 7.82 7.62 2.60
CA TRP B 245 7.13 8.74 3.24
C TRP B 245 7.37 10.06 2.49
N LYS B 246 8.64 10.38 2.29
CA LYS B 246 9.03 11.62 1.62
C LYS B 246 8.71 11.61 0.12
N ASP B 247 9.18 10.58 -0.58
CA ASP B 247 9.04 10.49 -2.04
C ASP B 247 7.59 10.53 -2.51
N ASN B 248 6.66 10.05 -1.68
CA ASN B 248 5.23 10.18 -2.01
C ASN B 248 4.52 11.32 -1.30
N LYS B 249 5.31 12.21 -0.68
CA LYS B 249 4.80 13.42 -0.04
C LYS B 249 3.70 13.12 0.97
N ILE B 250 3.73 11.92 1.55
CA ILE B 250 2.63 11.49 2.41
C ILE B 250 2.51 12.47 3.58
N ASP B 251 1.29 12.98 3.77
CA ASP B 251 1.01 14.03 4.73
C ASP B 251 -0.44 13.82 5.18
N ASN B 252 -0.70 12.65 5.76
CA ASN B 252 -2.06 12.23 6.08
C ASN B 252 -2.20 11.77 7.54
N GLY B 253 -1.23 12.13 8.39
CA GLY B 253 -1.22 11.71 9.78
C GLY B 253 -0.39 10.46 10.06
N SER B 254 0.26 9.90 9.03
CA SER B 254 1.17 8.77 9.24
C SER B 254 2.29 9.22 10.18
N VAL B 255 2.79 8.26 10.97
CA VAL B 255 3.84 8.49 11.96
C VAL B 255 4.95 7.45 11.83
N ALA B 256 6.06 7.71 12.49
CA ALA B 256 7.15 6.75 12.56
C ALA B 256 7.74 6.73 13.96
N VAL B 257 7.46 5.65 14.67
CA VAL B 257 7.92 5.49 16.05
C VAL B 257 8.10 3.99 16.34
N MSE B 258 9.23 3.63 16.93
CA MSE B 258 9.39 2.26 17.44
C MSE B 258 10.33 2.33 18.62
O MSE B 258 10.90 3.37 18.91
CB MSE B 258 9.96 1.28 16.40
CG MSE B 258 9.20 1.16 15.07
SE MSE B 258 10.06 -0.13 13.86
CE MSE B 258 9.25 -1.79 14.53
N SER B 259 10.53 1.19 19.28
CA SER B 259 11.59 1.05 20.25
C SER B 259 12.96 1.13 19.57
N ASP B 260 13.99 1.16 20.42
CA ASP B 260 15.40 1.23 20.00
C ASP B 260 15.98 -0.16 19.81
N PRO B 261 16.32 -0.54 18.56
CA PRO B 261 16.99 -1.83 18.41
C PRO B 261 18.30 -1.92 19.20
N ALA B 262 18.95 -0.79 19.47
CA ALA B 262 20.22 -0.80 20.18
C ALA B 262 20.06 -0.97 21.69
N GLN B 263 18.87 -1.32 22.18
CA GLN B 263 18.80 -1.90 23.52
C GLN B 263 19.78 -3.06 23.68
N SER B 264 20.08 -3.76 22.58
CA SER B 264 21.04 -4.84 22.63
C SER B 264 22.44 -4.39 23.04
N VAL B 265 22.80 -3.18 22.59
CA VAL B 265 24.13 -2.63 22.82
C VAL B 265 24.17 -2.08 24.23
N ALA B 266 23.09 -1.40 24.63
CA ALA B 266 23.00 -0.94 26.01
C ALA B 266 23.10 -2.13 26.97
N ALA B 267 22.47 -3.24 26.60
CA ALA B 267 22.53 -4.48 27.39
C ALA B 267 23.95 -5.05 27.48
N LEU B 268 24.70 -4.96 26.39
CA LEU B 268 26.10 -5.35 26.39
C LEU B 268 26.87 -4.55 27.44
N TRP B 269 26.71 -3.22 27.45
CA TRP B 269 27.42 -2.39 28.43
C TRP B 269 26.94 -2.61 29.85
N ALA B 270 25.65 -2.82 30.03
CA ALA B 270 25.13 -3.22 31.31
C ALA B 270 25.79 -4.50 31.83
N ALA B 271 25.83 -5.53 31.01
CA ALA B 271 26.51 -6.77 31.38
C ALA B 271 27.98 -6.52 31.79
N LEU B 272 28.70 -5.71 31.04
CA LEU B 272 30.11 -5.50 31.34
C LEU B 272 30.26 -4.78 32.70
N ASP B 273 29.37 -3.85 32.99
CA ASP B 273 29.43 -3.16 34.29
C ASP B 273 29.09 -4.12 35.42
N LEU B 274 28.08 -4.96 35.20
CA LEU B 274 27.72 -5.97 36.18
C LEU B 274 28.90 -6.92 36.47
N LEU B 275 29.61 -7.33 35.41
CA LEU B 275 30.74 -8.25 35.57
C LEU B 275 31.92 -7.62 36.34
N GLU B 276 31.95 -6.29 36.36
CA GLU B 276 32.94 -5.48 37.08
C GLU B 276 32.53 -5.14 38.51
N GLY B 277 31.43 -5.72 38.99
CA GLY B 277 30.93 -5.43 40.35
C GLY B 277 30.15 -4.14 40.52
N ARG B 278 29.77 -3.50 39.41
CA ARG B 278 28.99 -2.30 39.51
C ARG B 278 27.52 -2.62 39.76
N ASP B 279 26.87 -1.68 40.43
CA ASP B 279 25.46 -1.79 40.74
C ASP B 279 24.64 -1.12 39.66
N LEU B 280 23.60 -1.81 39.23
CA LEU B 280 22.64 -1.25 38.33
C LEU B 280 21.26 -1.40 38.96
N PRO B 281 20.35 -0.48 38.65
CA PRO B 281 18.96 -0.68 39.02
C PRO B 281 18.44 -1.94 38.35
N LYS B 282 17.57 -2.66 39.07
CA LYS B 282 17.02 -3.90 38.56
C LYS B 282 16.12 -3.66 37.34
N GLN B 283 15.60 -2.45 37.21
CA GLN B 283 14.73 -2.07 36.09
C GLN B 283 15.26 -0.76 35.55
N MSE B 284 15.44 -0.69 34.22
CA MSE B 284 15.97 0.51 33.59
C MSE B 284 15.16 0.76 32.35
O MSE B 284 15.05 -0.11 31.50
CB MSE B 284 17.43 0.31 33.18
CG MSE B 284 18.41 0.05 34.35
SE MSE B 284 20.18 -0.55 33.70
CE MSE B 284 19.87 -2.47 33.95
N THR B 285 14.61 1.97 32.23
CA THR B 285 13.86 2.37 31.03
C THR B 285 14.74 3.26 30.18
N PHE B 286 15.06 2.77 29.00
CA PHE B 286 15.82 3.51 28.01
C PHE B 286 14.87 4.11 26.93
N PRO B 287 15.36 5.07 26.16
CA PRO B 287 14.47 5.81 25.29
C PRO B 287 14.12 5.12 23.96
N ILE B 288 12.86 5.26 23.57
CA ILE B 288 12.39 4.83 22.26
C ILE B 288 12.93 5.77 21.18
N VAL B 289 12.60 5.46 19.92
CA VAL B 289 12.99 6.30 18.80
C VAL B 289 11.75 6.84 18.13
N LEU B 290 11.43 8.10 18.43
CA LEU B 290 10.31 8.79 17.83
C LEU B 290 10.88 9.68 16.72
N ILE B 291 10.40 9.51 15.50
CA ILE B 291 10.87 10.30 14.37
C ILE B 291 9.75 11.25 13.97
N GLU B 292 9.78 12.44 14.55
CA GLU B 292 8.87 13.52 14.15
C GLU B 292 9.33 14.11 12.82
N GLU B 293 8.45 14.90 12.20
CA GLU B 293 8.70 15.40 10.85
C GLU B 293 10.09 16.01 10.75
N LYS B 294 10.42 16.86 11.72
CA LYS B 294 11.70 17.55 11.75
C LYS B 294 12.94 16.65 11.70
N ASP B 295 12.82 15.41 12.17
CA ASP B 295 13.96 14.50 12.20
C ASP B 295 13.98 13.44 11.09
N ARG B 296 12.95 13.41 10.25
CA ARG B 296 12.87 12.44 9.16
C ARG B 296 14.08 12.47 8.25
N ASP B 297 14.45 13.65 7.78
CA ASP B 297 15.53 13.76 6.82
C ASP B 297 16.91 13.52 7.44
N THR B 298 17.10 13.94 8.69
CA THR B 298 18.31 13.60 9.42
C THR B 298 18.49 12.07 9.45
N TRP B 299 17.45 11.34 9.84
CA TRP B 299 17.57 9.87 9.87
C TRP B 299 17.73 9.30 8.45
N ALA B 300 16.95 9.82 7.50
CA ALA B 300 17.01 9.37 6.11
C ALA B 300 18.42 9.46 5.54
N SER B 301 19.15 10.51 5.93
CA SER B 301 20.52 10.72 5.46
C SER B 301 21.47 9.58 5.74
N VAL B 302 21.32 8.97 6.91
CA VAL B 302 22.32 8.05 7.44
C VAL B 302 21.93 6.58 7.35
N LEU B 303 20.63 6.28 7.35
CA LEU B 303 20.18 4.89 7.38
C LEU B 303 20.18 4.28 6.00
N LYS B 304 20.76 3.09 5.88
CA LYS B 304 20.55 2.23 4.73
C LYS B 304 19.09 1.79 4.71
N PRO B 305 18.59 1.39 3.53
CA PRO B 305 17.16 1.13 3.40
C PRO B 305 16.60 0.14 4.45
N ASP B 306 17.31 -0.95 4.71
CA ASP B 306 16.86 -1.95 5.70
C ASP B 306 17.35 -1.68 7.12
N GLU B 307 18.07 -0.58 7.31
CA GLU B 307 18.58 -0.23 8.63
C GLU B 307 17.53 0.55 9.43
N TYR B 308 17.23 0.06 10.64
CA TYR B 308 16.29 0.75 11.52
C TYR B 308 17.06 1.76 12.40
N ALA B 309 16.43 2.89 12.66
CA ALA B 309 16.99 3.89 13.53
C ALA B 309 17.26 3.30 14.90
N ALA B 310 18.42 3.60 15.44
CA ALA B 310 18.88 3.08 16.71
C ALA B 310 19.80 4.08 17.37
N TRP B 311 19.75 4.17 18.69
CA TRP B 311 20.60 5.10 19.41
C TRP B 311 22.02 4.53 19.53
N PRO B 312 23.05 5.35 19.27
CA PRO B 312 24.43 4.83 19.30
C PRO B 312 25.04 4.81 20.70
N TRP B 313 24.65 3.83 21.51
CA TRP B 313 25.15 3.72 22.87
C TRP B 313 26.64 3.40 22.88
N THR B 314 27.41 4.26 23.52
CA THR B 314 28.76 3.97 23.92
C THR B 314 28.67 3.57 25.38
N ARG B 315 29.74 3.00 25.89
CA ARG B 315 29.76 2.69 27.32
C ARG B 315 29.52 3.95 28.16
N GLU B 316 30.08 5.08 27.73
CA GLU B 316 29.89 6.33 28.45
C GLU B 316 28.44 6.84 28.42
N LEU B 317 27.80 6.81 27.25
CA LEU B 317 26.40 7.23 27.14
C LEU B 317 25.48 6.31 27.93
N PHE B 318 25.74 5.01 27.89
CA PHE B 318 25.03 4.07 28.74
C PHE B 318 25.10 4.48 30.21
N ARG B 319 26.32 4.70 30.70
CA ARG B 319 26.52 5.10 32.11
C ARG B 319 25.80 6.39 32.47
N GLN B 320 25.77 7.34 31.54
CA GLN B 320 25.06 8.59 31.78
C GLN B 320 23.56 8.35 31.92
N GLN B 321 23.01 7.50 31.04
CA GLN B 321 21.58 7.18 31.11
C GLN B 321 21.26 6.49 32.43
N VAL B 322 22.11 5.56 32.84
CA VAL B 322 21.97 4.91 34.14
C VAL B 322 22.02 5.96 35.26
N GLU B 323 23.01 6.85 35.24
CA GLU B 323 23.09 7.90 36.27
C GLU B 323 21.80 8.72 36.27
N ALA B 324 21.28 9.03 35.07
CA ALA B 324 20.03 9.76 34.94
C ALA B 324 18.84 9.00 35.54
N ILE B 325 18.81 7.69 35.36
CA ILE B 325 17.79 6.84 35.96
C ILE B 325 17.89 6.81 37.49
N LYS B 326 19.11 6.66 38.01
CA LYS B 326 19.33 6.55 39.47
C LYS B 326 18.97 7.82 40.20
N THR B 327 19.32 8.95 39.60
CA THR B 327 19.11 10.25 40.23
C THR B 327 17.76 10.86 39.89
N GLY B 328 16.93 10.14 39.13
CA GLY B 328 15.65 10.67 38.67
C GLY B 328 15.81 11.87 37.75
N GLY B 329 16.98 12.02 37.14
CA GLY B 329 17.28 13.16 36.28
C GLY B 329 16.62 13.07 34.93
N GLU B 330 17.04 13.93 34.01
CA GLU B 330 16.44 13.96 32.68
C GLU B 330 17.03 12.87 31.79
N PRO B 331 16.16 12.03 31.20
CA PRO B 331 16.71 10.97 30.35
C PRO B 331 17.67 11.52 29.28
N VAL B 332 18.71 10.75 28.99
CA VAL B 332 19.58 11.07 27.86
C VAL B 332 18.77 10.99 26.56
N GLN B 333 18.91 12.03 25.74
CA GLN B 333 18.39 12.05 24.38
C GLN B 333 19.60 11.84 23.48
N PRO B 334 19.90 10.59 23.13
CA PRO B 334 21.14 10.38 22.41
C PRO B 334 21.09 11.04 21.03
N PRO B 335 22.26 11.33 20.46
CA PRO B 335 22.31 12.05 19.21
C PRO B 335 21.93 11.17 18.04
N ILE B 336 21.32 11.77 17.03
CA ILE B 336 21.11 11.09 15.78
C ILE B 336 22.50 10.98 15.15
N PRO B 337 22.93 9.76 14.77
CA PRO B 337 24.26 9.64 14.15
C PRO B 337 24.41 10.42 12.84
N SER B 338 25.65 10.80 12.51
CA SER B 338 26.01 11.46 11.24
C SER B 338 26.41 10.42 10.18
N THR B 339 27.14 9.40 10.62
CA THR B 339 27.46 8.23 9.80
C THR B 339 27.20 6.97 10.63
N THR B 340 26.96 5.85 9.95
CA THR B 340 26.56 4.61 10.63
C THR B 340 26.72 3.39 9.70
N GLY B 341 26.05 2.28 10.04
CA GLY B 341 26.05 1.07 9.23
C GLY B 341 26.82 -0.05 9.90
O1 LTH C . -10.00 5.02 -16.93
C1 LTH C . -9.24 4.00 -17.15
O LTH C . -8.49 3.46 -16.32
C2 LTH C . -9.30 3.33 -18.55
O2 LTH C . -8.34 2.25 -18.65
C3 LTH C . -8.99 4.31 -19.66
O3 LTH C . -7.69 4.87 -19.47
C4 LTH C . -9.00 3.56 -21.01
O4 LTH C . -10.37 3.10 -21.20
O1 LTH D . 10.39 -6.78 17.22
C1 LTH D . 10.18 -5.60 17.61
O LTH D . 9.80 -4.62 16.89
C2 LTH D . 10.45 -5.30 19.11
O2 LTH D . 10.86 -6.52 19.77
C3 LTH D . 9.15 -4.79 19.75
O3 LTH D . 8.20 -5.82 19.69
C4 LTH D . 9.31 -4.31 21.19
O4 LTH D . 10.42 -3.38 21.25
#